data_6P1X
#
_entry.id   6P1X
#
_cell.length_a   169.213
_cell.length_b   171.502
_cell.length_c   107.306
_cell.angle_alpha   90.00
_cell.angle_beta   90.00
_cell.angle_gamma   90.00
#
_symmetry.space_group_name_H-M   'C 2 2 21'
#
loop_
_entity.id
_entity.type
_entity.pdbx_description
1 polymer 'Reverse transcriptase/ribonuclease H'
2 polymer 'p51 RT'
3 polymer 'DNA Primer 20-mer'
4 polymer 'DNA template 27-mer'
5 non-polymer 'MAGNESIUM ION'
6 non-polymer '[[(2~{R},5~{S})-5-(4-azanyl-2-oxidanylidene-pyrimidin-1-yl)oxolan-2-yl]methoxy-oxidanyl-phosphoryl] phosphono hydrogen phosphate'
7 non-polymer 'SULFATE ION'
8 water water
#
loop_
_entity_poly.entity_id
_entity_poly.type
_entity_poly.pdbx_seq_one_letter_code
_entity_poly.pdbx_strand_id
1 'polypeptide(L)'
;PISPIETVPVKLKPGMDGPKVKQWPLTEEKIKALVEICTEMEKEGKISKIGPENPYNTPVFAIKKKDSTKWRKLVDFREL
NKRTQDFWEVQLGIPHPAGLKKKKSVTVLDVGDAYFSVPLDEDFRKYTAFTIPSINNETPGIRYQYNVLPQGWKGSPAIF
QSSMTKILEPFRKQNPDIVIYQYMDDLYVGSDLEIGQHRTKIEELRQHLLRWGLTTPDKKHQKEPPFLWMGYELHPDKWT
VQPIVLPEKDSWTVNDICKLVGKLNWASQIYPGIKVRQLSKLLRGTKALTEVIPLTEEAELELAENREILKEPVHGVYYD
PSKDLIAEIQKQGQGQWTYQIYQEPFKNLKTGKYARMRGAHTNDVKQLTEAVQKITTESIVIWGKTPKFKLPIQKETWET
WWTEYWQATWIPEWEFVNTPPLVKLWYQLEKEPIVGAETFYVDGAANRETKLGKAGYVTNRGRQKVVTLTDTTNQKTELQ
AIYLALQDSGLEVNIVTDSQYALGIIQAQPDQSESELVNQIIEQLIKKEKVYLAWVPAHKGIGGNEQVDKLVSAGIRKVL
;
A
2 'polypeptide(L)'
;MGSSHHHHHHSSPISPIETVPVKLKPGMDGPKVKQWPLTEEKIKALVEICTEMEKEGKISKIGPENPYNTPVFAIKKKDS
TKWRKLVDFRELNKRTQDFWEVQLGIPHPAGLKKKKSVTVLDVGDAYFSVPLDEDFRKYTAFTIPSINNETPGIRYQYNV
LPQGWKGSPAIFQSSMTKILEPFRKQNPDIVIYQYMDDLYVGSDLEIGQHRTKIEELRQHLLRWGLTTPDKKHQKEPPFL
WMGYELHPDKWTVQPIVLPEKDSWTVNDIQKLVGKLNWASQIYPGIKVRQLSKLLRGTKALTEVIPLTEEAELELAENRE
ILKEPVHGVYYDPSKDLIAEIQKQGQGQWTYQIYQEPFKNLKTGKYARMRGAHTNDVKQLTEAVQKITTESIVIWGKTPK
FKLPIQKETWETWWTEYWQATWIPEWEFVNTPPLVKLWYQLEKEPIVGAETF
;
B
3 'polydeoxyribonucleotide'
;(DA)(DC)(DA)(DG)(DT)(DC)(DC)(DC)(DT)(DG)(DT)(DT)(DC)(DG)(DG)(G47)(DC)(DG)(DC)
(DC)(DDG)
;
P
4 'polydeoxyribonucleotide'
;(DA)(DT)(DG)(DG)(DG)(DC)(DG)(DG)(DC)(DG)(DC)(DC)(DC)(DG)(DA)(DA)(DC)(DA)(DG)(DG)
(DG)(DA)(DC)(DT)(DG)(DT)(DG)
;
T
#
loop_
_chem_comp.id
_chem_comp.type
_chem_comp.name
_chem_comp.formula
DA DNA linking 2'-DEOXYADENOSINE-5'-MONOPHOSPHATE 'C10 H14 N5 O6 P'
DC DNA linking 2'-DEOXYCYTIDINE-5'-MONOPHOSPHATE 'C9 H14 N3 O7 P'
DDG DNA linking 2',3'-DIDEOXY-GUANOSINE-5'-MONOPHOSPHATE 'C10 H14 N5 O6 P'
DG DNA linking 2'-DEOXYGUANOSINE-5'-MONOPHOSPHATE 'C10 H14 N5 O7 P'
DT DNA linking THYMIDINE-5'-MONOPHOSPHATE 'C10 H15 N2 O8 P'
G47 DNA linking N2-ETHANETHIOL-2'-DEOXY-GUANOSINE-5'-MONOPHOSPHATE 'C12 H18 N5 O7 P S'
MG non-polymer 'MAGNESIUM ION' 'Mg 2'
NQ4 non-polymer '[[(2~{R},5~{S})-5-(4-azanyl-2-oxidanylidene-pyrimidin-1-yl)oxolan-2-yl]methoxy-oxidanyl-phosphoryl] phosphono hydrogen phosphate' 'C9 H16 N3 O12 P3'
SO4 non-polymer 'SULFATE ION' 'O4 S -2'
#
# COMPACT_ATOMS: atom_id res chain seq x y z
N PRO A 1 23.73 -35.28 -10.31
CA PRO A 1 22.77 -36.06 -11.10
C PRO A 1 21.48 -35.27 -11.36
N ILE A 2 20.39 -35.94 -11.70
CA ILE A 2 19.13 -35.28 -12.03
C ILE A 2 18.10 -35.70 -11.00
N SER A 3 17.39 -34.72 -10.45
CA SER A 3 16.43 -34.99 -9.39
C SER A 3 15.28 -35.82 -9.92
N PRO A 4 14.82 -36.81 -9.16
CA PRO A 4 13.60 -37.54 -9.54
C PRO A 4 12.30 -36.78 -9.29
N ILE A 5 12.36 -35.51 -8.86
CA ILE A 5 11.15 -34.74 -8.63
C ILE A 5 10.31 -34.62 -9.90
N GLU A 6 9.00 -34.58 -9.75
CA GLU A 6 8.14 -34.28 -10.89
C GLU A 6 8.55 -32.96 -11.53
N THR A 7 8.39 -32.88 -12.86
CA THR A 7 8.61 -31.63 -13.54
C THR A 7 7.42 -30.71 -13.35
N VAL A 8 7.61 -29.43 -13.65
CA VAL A 8 6.55 -28.44 -13.60
C VAL A 8 6.00 -28.27 -15.01
N PRO A 9 4.72 -28.52 -15.24
CA PRO A 9 4.15 -28.30 -16.58
C PRO A 9 4.24 -26.84 -16.95
N VAL A 10 4.69 -26.58 -18.18
CA VAL A 10 5.03 -25.25 -18.66
C VAL A 10 4.58 -25.14 -20.11
N LYS A 11 3.97 -24.01 -20.47
CA LYS A 11 3.41 -23.83 -21.80
C LYS A 11 3.93 -22.57 -22.46
N LEU A 12 3.87 -22.55 -23.79
CA LEU A 12 3.95 -21.32 -24.53
C LEU A 12 2.63 -20.56 -24.40
N LYS A 13 2.68 -19.26 -24.63
CA LYS A 13 1.47 -18.47 -24.62
C LYS A 13 0.61 -18.83 -25.84
N PRO A 14 -0.70 -18.65 -25.75
CA PRO A 14 -1.59 -19.09 -26.84
C PRO A 14 -1.20 -18.51 -28.20
N GLY A 15 -1.05 -19.40 -29.18
CA GLY A 15 -0.75 -19.01 -30.54
C GLY A 15 0.72 -18.80 -30.88
N MET A 16 1.61 -18.97 -29.91
CA MET A 16 3.03 -18.72 -30.11
C MET A 16 3.78 -20.00 -30.47
N ASP A 17 4.99 -19.83 -30.99
CA ASP A 17 5.81 -20.93 -31.44
C ASP A 17 7.25 -20.68 -31.01
N GLY A 18 8.03 -21.75 -30.90
CA GLY A 18 9.38 -21.67 -30.38
C GLY A 18 10.27 -20.68 -31.13
N PRO A 19 11.44 -20.39 -30.57
CA PRO A 19 12.32 -19.38 -31.17
C PRO A 19 13.17 -19.95 -32.30
N LYS A 20 13.39 -19.13 -33.32
CA LYS A 20 14.24 -19.49 -34.46
C LYS A 20 15.17 -18.31 -34.69
N VAL A 21 16.32 -18.31 -34.01
CA VAL A 21 17.29 -17.21 -34.04
C VAL A 21 18.66 -17.80 -34.35
N LYS A 22 19.39 -17.18 -35.29
CA LYS A 22 20.70 -17.68 -35.65
C LYS A 22 21.68 -17.53 -34.48
N GLN A 23 22.72 -18.36 -34.51
CA GLN A 23 23.76 -18.34 -33.46
C GLN A 23 24.84 -17.32 -33.81
N TRP A 24 25.31 -16.61 -32.79
CA TRP A 24 26.36 -15.62 -32.95
C TRP A 24 27.69 -16.26 -33.28
N PRO A 25 28.68 -15.48 -33.68
CA PRO A 25 30.07 -15.93 -33.57
C PRO A 25 30.54 -15.82 -32.13
N LEU A 26 31.51 -16.66 -31.77
CA LEU A 26 32.02 -16.72 -30.40
C LEU A 26 33.54 -16.84 -30.41
N THR A 27 34.14 -16.41 -29.30
CA THR A 27 35.58 -16.55 -29.11
C THR A 27 36.01 -18.01 -29.23
N GLU A 28 37.26 -18.23 -29.64
CA GLU A 28 37.82 -19.57 -29.50
C GLU A 28 37.75 -20.01 -28.05
N GLU A 29 37.99 -19.08 -27.13
CA GLU A 29 37.95 -19.38 -25.70
C GLU A 29 36.56 -19.85 -25.27
N LYS A 30 35.52 -19.09 -25.65
CA LYS A 30 34.17 -19.46 -25.25
C LYS A 30 33.69 -20.73 -25.96
N ILE A 31 34.10 -20.94 -27.22
CA ILE A 31 33.73 -22.17 -27.92
C ILE A 31 34.32 -23.38 -27.20
N LYS A 32 35.61 -23.30 -26.84
CA LYS A 32 36.24 -24.42 -26.15
C LYS A 32 35.56 -24.69 -24.82
N ALA A 33 35.29 -23.63 -24.04
CA ALA A 33 34.62 -23.82 -22.76
C ALA A 33 33.24 -24.45 -22.92
N LEU A 34 32.48 -24.00 -23.93
CA LEU A 34 31.14 -24.53 -24.14
C LEU A 34 31.19 -25.97 -24.64
N VAL A 35 32.14 -26.34 -25.50
CA VAL A 35 32.16 -27.75 -25.91
C VAL A 35 32.55 -28.62 -24.72
N GLU A 36 33.46 -28.14 -23.86
CA GLU A 36 33.82 -28.94 -22.68
C GLU A 36 32.62 -29.11 -21.76
N ILE A 37 31.79 -28.08 -21.62
CA ILE A 37 30.60 -28.21 -20.77
C ILE A 37 29.57 -29.13 -21.42
N CYS A 38 29.36 -28.99 -22.73
CA CYS A 38 28.25 -29.69 -23.35
C CYS A 38 28.53 -31.17 -23.58
N THR A 39 29.78 -31.56 -23.81
CA THR A 39 30.01 -33.00 -23.92
C THR A 39 29.74 -33.67 -22.57
N GLU A 40 30.13 -33.03 -21.48
CA GLU A 40 29.87 -33.59 -20.16
C GLU A 40 28.37 -33.58 -19.83
N MET A 41 27.65 -32.52 -20.23
CA MET A 41 26.22 -32.51 -19.94
C MET A 41 25.47 -33.55 -20.77
N GLU A 42 25.88 -33.74 -22.03
CA GLU A 42 25.22 -34.78 -22.84
C GLU A 42 25.54 -36.16 -22.30
N LYS A 43 26.77 -36.38 -21.85
CA LYS A 43 27.11 -37.65 -21.21
C LYS A 43 26.19 -37.92 -20.01
N GLU A 44 25.80 -36.88 -19.29
CA GLU A 44 25.03 -37.03 -18.06
C GLU A 44 23.53 -36.90 -18.29
N GLY A 45 23.07 -36.88 -19.55
CA GLY A 45 21.66 -36.82 -19.82
C GLY A 45 21.00 -35.48 -19.53
N LYS A 46 21.78 -34.46 -19.19
CA LYS A 46 21.25 -33.13 -18.90
C LYS A 46 20.87 -32.37 -20.18
N ILE A 47 21.52 -32.68 -21.30
CA ILE A 47 21.15 -32.17 -22.61
C ILE A 47 21.20 -33.34 -23.59
N SER A 48 20.40 -33.26 -24.66
CA SER A 48 20.30 -34.34 -25.63
C SER A 48 20.57 -33.81 -27.03
N LYS A 49 21.29 -34.59 -27.83
CA LYS A 49 21.49 -34.20 -29.22
C LYS A 49 20.17 -34.16 -29.95
N ILE A 50 20.07 -33.26 -30.94
CA ILE A 50 18.85 -33.09 -31.73
C ILE A 50 19.24 -32.98 -33.19
N GLY A 51 18.26 -33.30 -34.05
CA GLY A 51 18.50 -33.34 -35.48
C GLY A 51 17.60 -32.39 -36.24
N PRO A 52 17.44 -32.65 -37.55
CA PRO A 52 16.61 -31.76 -38.38
C PRO A 52 15.13 -31.74 -38.01
N GLU A 53 14.66 -32.69 -37.20
CA GLU A 53 13.26 -32.67 -36.77
C GLU A 53 12.96 -31.55 -35.77
N ASN A 54 13.96 -30.81 -35.29
CA ASN A 54 13.74 -29.69 -34.38
C ASN A 54 13.95 -28.38 -35.13
N PRO A 55 12.89 -27.58 -35.40
CA PRO A 55 13.10 -26.34 -36.16
C PRO A 55 13.36 -25.13 -35.30
N TYR A 56 14.13 -25.24 -34.21
CA TYR A 56 14.27 -24.13 -33.27
C TYR A 56 15.74 -23.90 -32.95
N ASN A 57 16.07 -22.64 -32.64
CA ASN A 57 17.41 -22.35 -32.15
C ASN A 57 17.40 -21.03 -31.40
N THR A 58 18.31 -20.93 -30.42
CA THR A 58 18.49 -19.78 -29.59
C THR A 58 19.99 -19.64 -29.38
N PRO A 59 20.54 -18.41 -29.45
CA PRO A 59 21.99 -18.22 -29.25
C PRO A 59 22.48 -18.57 -27.86
N VAL A 60 23.70 -19.13 -27.79
CA VAL A 60 24.38 -19.49 -26.55
C VAL A 60 25.69 -18.71 -26.43
N PHE A 61 26.11 -18.52 -25.20
CA PHE A 61 27.39 -17.88 -24.93
C PHE A 61 27.84 -18.30 -23.52
N ALA A 62 28.93 -17.71 -23.05
CA ALA A 62 29.46 -18.06 -21.75
C ALA A 62 30.16 -16.86 -21.12
N ILE A 63 30.21 -16.85 -19.80
CA ILE A 63 30.90 -15.79 -19.07
C ILE A 63 31.71 -16.42 -17.95
N LYS A 64 32.78 -15.74 -17.54
CA LYS A 64 33.54 -16.21 -16.39
C LYS A 64 32.66 -16.19 -15.14
N LYS A 65 33.00 -17.02 -14.16
CA LYS A 65 32.21 -17.08 -12.94
C LYS A 65 32.99 -16.41 -11.80
N LYS A 66 32.27 -16.11 -10.72
CA LYS A 66 32.71 -15.15 -9.70
C LYS A 66 34.08 -15.45 -9.13
N ASP A 67 34.20 -16.55 -8.39
CA ASP A 67 35.44 -16.91 -7.73
C ASP A 67 36.02 -18.18 -8.33
N SER A 68 35.99 -18.29 -9.65
CA SER A 68 36.54 -19.48 -10.28
C SER A 68 37.08 -19.14 -11.65
N THR A 69 37.98 -20.02 -12.11
CA THR A 69 38.38 -20.18 -13.50
C THR A 69 37.35 -20.94 -14.29
N LYS A 70 36.14 -21.05 -13.77
CA LYS A 70 35.06 -21.81 -14.37
C LYS A 70 34.10 -20.88 -15.11
N TRP A 71 33.40 -21.45 -16.09
CA TRP A 71 32.51 -20.72 -16.98
C TRP A 71 31.06 -21.03 -16.67
N ARG A 72 30.22 -20.02 -16.79
CA ARG A 72 28.77 -20.18 -16.75
C ARG A 72 28.24 -20.14 -18.19
N LYS A 73 27.48 -21.19 -18.55
CA LYS A 73 26.82 -21.27 -19.86
C LYS A 73 25.48 -20.56 -19.80
N LEU A 74 25.28 -19.62 -20.72
CA LEU A 74 24.05 -18.85 -20.77
C LEU A 74 23.41 -18.97 -22.15
N VAL A 75 22.09 -18.81 -22.18
CA VAL A 75 21.33 -18.77 -23.42
C VAL A 75 20.51 -17.49 -23.46
N ASP A 76 20.60 -16.76 -24.57
CA ASP A 76 19.82 -15.55 -24.79
C ASP A 76 18.40 -15.93 -25.18
N PHE A 77 17.67 -16.46 -24.19
CA PHE A 77 16.29 -16.93 -24.38
C PHE A 77 15.26 -15.79 -24.40
N ARG A 78 15.68 -14.55 -24.65
CA ARG A 78 14.74 -13.43 -24.61
C ARG A 78 13.51 -13.69 -25.47
N GLU A 79 13.71 -14.33 -26.63
CA GLU A 79 12.59 -14.60 -27.54
C GLU A 79 11.64 -15.65 -26.96
N LEU A 80 12.18 -16.81 -26.59
CA LEU A 80 11.39 -17.81 -25.88
C LEU A 80 10.72 -17.23 -24.64
N ASN A 81 11.46 -16.41 -23.89
CA ASN A 81 10.88 -15.81 -22.69
C ASN A 81 9.66 -14.98 -23.04
N LYS A 82 9.75 -14.15 -24.10
CA LYS A 82 8.59 -13.39 -24.52
C LYS A 82 7.44 -14.29 -24.90
N ARG A 83 7.73 -15.47 -25.47
CA ARG A 83 6.67 -16.37 -25.90
C ARG A 83 6.26 -17.39 -24.84
N THR A 84 7.01 -17.52 -23.75
CA THR A 84 6.67 -18.43 -22.66
C THR A 84 5.59 -17.82 -21.75
N GLN A 85 4.74 -18.69 -21.21
CA GLN A 85 3.70 -18.32 -20.25
C GLN A 85 4.23 -17.51 -19.06
N ASP A 86 3.33 -16.78 -18.40
CA ASP A 86 3.66 -16.09 -17.16
C ASP A 86 3.81 -17.08 -16.02
N PHE A 87 4.64 -16.71 -15.05
CA PHE A 87 4.81 -17.43 -13.81
C PHE A 87 4.42 -16.52 -12.66
N TRP A 88 4.11 -17.13 -11.51
CA TRP A 88 4.03 -16.38 -10.27
C TRP A 88 5.30 -16.62 -9.47
N GLU A 89 6.02 -15.54 -9.18
CA GLU A 89 7.31 -15.58 -8.52
C GLU A 89 7.15 -15.85 -7.03
N VAL A 90 7.86 -16.86 -6.55
CA VAL A 90 7.75 -17.25 -5.14
C VAL A 90 8.83 -16.63 -4.27
N GLN A 91 9.92 -16.13 -4.86
CA GLN A 91 10.90 -15.35 -4.12
C GLN A 91 10.30 -13.98 -3.79
N LEU A 92 9.88 -13.79 -2.54
CA LEU A 92 9.15 -12.60 -2.12
C LEU A 92 10.04 -11.53 -1.50
N GLY A 93 11.28 -11.84 -1.18
CA GLY A 93 12.19 -10.84 -0.67
C GLY A 93 13.55 -11.44 -0.39
N ILE A 94 14.42 -10.59 0.14
CA ILE A 94 15.82 -10.93 0.37
C ILE A 94 16.02 -11.10 1.87
N PRO A 95 16.41 -12.28 2.36
CA PRO A 95 16.62 -12.45 3.81
C PRO A 95 17.72 -11.53 4.33
N HIS A 96 17.55 -11.12 5.60
CA HIS A 96 18.49 -10.15 6.12
C HIS A 96 19.14 -10.70 7.39
N PRO A 97 20.45 -10.50 7.56
CA PRO A 97 21.15 -11.12 8.70
C PRO A 97 20.64 -10.64 10.05
N ALA A 98 20.14 -9.39 10.15
CA ALA A 98 19.65 -8.88 11.42
C ALA A 98 18.39 -9.57 11.90
N GLY A 99 17.72 -10.32 11.04
CA GLY A 99 16.60 -11.17 11.40
C GLY A 99 16.99 -12.57 11.84
N LEU A 100 18.29 -12.88 11.83
CA LEU A 100 18.74 -14.16 12.34
C LEU A 100 18.84 -14.11 13.86
N LYS A 101 18.58 -15.26 14.47
CA LYS A 101 18.75 -15.46 15.90
C LYS A 101 20.07 -16.19 16.15
N LYS A 102 20.70 -15.90 17.29
CA LYS A 102 21.94 -16.58 17.61
C LYS A 102 21.70 -18.09 17.65
N LYS A 103 22.62 -18.82 17.05
CA LYS A 103 22.59 -20.27 17.01
C LYS A 103 23.93 -20.79 17.51
N LYS A 104 23.89 -21.89 18.25
CA LYS A 104 25.13 -22.52 18.68
C LYS A 104 25.95 -22.96 17.46
N SER A 105 25.32 -23.61 16.49
CA SER A 105 26.02 -24.29 15.40
C SER A 105 25.46 -23.87 14.05
N VAL A 106 26.36 -23.54 13.12
CA VAL A 106 26.00 -22.93 11.85
C VAL A 106 26.79 -23.59 10.72
N THR A 107 26.11 -23.85 9.60
CA THR A 107 26.70 -24.40 8.39
C THR A 107 26.15 -23.64 7.19
N VAL A 108 26.96 -23.43 6.17
CA VAL A 108 26.45 -22.94 4.89
C VAL A 108 26.82 -23.93 3.80
N LEU A 109 25.81 -24.38 3.04
CA LEU A 109 25.96 -25.28 1.91
C LEU A 109 25.59 -24.60 0.60
N ASP A 110 26.26 -25.03 -0.47
CA ASP A 110 25.99 -24.58 -1.83
C ASP A 110 25.69 -25.82 -2.67
N VAL A 111 24.48 -25.88 -3.24
CA VAL A 111 24.09 -27.01 -4.06
C VAL A 111 24.84 -26.98 -5.39
N GLY A 112 25.42 -28.12 -5.78
CA GLY A 112 26.20 -28.17 -7.01
C GLY A 112 25.33 -28.35 -8.26
N ASP A 113 25.69 -27.60 -9.31
CA ASP A 113 25.00 -27.65 -10.61
C ASP A 113 23.50 -27.62 -10.42
N ALA A 114 23.03 -26.56 -9.76
CA ALA A 114 21.70 -26.58 -9.18
C ALA A 114 20.62 -26.71 -10.24
N TYR A 115 20.59 -25.77 -11.21
CA TYR A 115 19.58 -25.81 -12.26
C TYR A 115 19.69 -27.09 -13.08
N PHE A 116 20.91 -27.50 -13.38
CA PHE A 116 21.14 -28.64 -14.23
C PHE A 116 20.85 -29.98 -13.49
N SER A 117 20.29 -29.92 -12.28
CA SER A 117 19.86 -31.11 -11.56
C SER A 117 18.35 -31.22 -11.45
N VAL A 118 17.62 -30.22 -11.92
CA VAL A 118 16.17 -30.21 -11.88
C VAL A 118 15.67 -30.42 -13.30
N PRO A 119 14.82 -31.40 -13.54
CA PRO A 119 14.41 -31.73 -14.91
C PRO A 119 13.37 -30.75 -15.44
N LEU A 120 13.32 -30.65 -16.75
CA LEU A 120 12.42 -29.75 -17.45
C LEU A 120 11.31 -30.53 -18.11
N ASP A 121 10.13 -29.89 -18.19
CA ASP A 121 8.94 -30.50 -18.77
C ASP A 121 9.22 -31.17 -20.11
N GLU A 122 8.81 -32.44 -20.23
CA GLU A 122 9.05 -33.20 -21.46
C GLU A 122 8.60 -32.44 -22.70
N ASP A 123 7.43 -31.80 -22.64
CA ASP A 123 6.84 -31.19 -23.83
C ASP A 123 7.48 -29.87 -24.21
N PHE A 124 8.27 -29.28 -23.31
CA PHE A 124 8.81 -27.95 -23.52
C PHE A 124 10.27 -27.95 -23.98
N ARG A 125 10.90 -29.13 -24.05
CA ARG A 125 12.34 -29.19 -24.25
C ARG A 125 12.74 -28.75 -25.64
N LYS A 126 11.92 -29.09 -26.65
CA LYS A 126 12.29 -28.81 -28.03
C LYS A 126 12.57 -27.33 -28.26
N TYR A 127 11.96 -26.45 -27.46
CA TYR A 127 12.12 -25.01 -27.65
C TYR A 127 13.46 -24.49 -27.11
N THR A 128 14.09 -25.23 -26.21
CA THR A 128 15.37 -24.80 -25.66
C THR A 128 16.54 -25.10 -26.59
N ALA A 129 16.26 -25.42 -27.87
CA ALA A 129 17.30 -25.85 -28.79
C ALA A 129 18.35 -24.78 -29.02
N PHE A 130 19.61 -25.19 -29.00
CA PHE A 130 20.74 -24.30 -29.29
C PHE A 130 21.73 -25.07 -30.17
N THR A 131 22.91 -24.48 -30.35
CA THR A 131 23.96 -25.07 -31.19
C THR A 131 25.29 -24.38 -30.90
N ILE A 132 26.35 -25.17 -30.78
CA ILE A 132 27.72 -24.65 -30.66
C ILE A 132 28.38 -24.70 -32.02
N PRO A 133 29.04 -23.64 -32.47
CA PRO A 133 29.79 -23.70 -33.73
C PRO A 133 31.25 -24.07 -33.54
N SER A 134 31.84 -24.66 -34.59
CA SER A 134 33.27 -24.95 -34.58
C SER A 134 34.07 -23.77 -35.16
N ILE A 135 33.63 -23.29 -36.32
CA ILE A 135 33.98 -21.97 -36.82
C ILE A 135 32.98 -21.68 -37.94
N ASN A 136 32.81 -20.39 -38.25
CA ASN A 136 31.78 -19.98 -39.21
C ASN A 136 31.79 -20.84 -40.47
N ASN A 137 32.95 -21.33 -40.87
CA ASN A 137 33.08 -22.21 -42.03
C ASN A 137 33.84 -23.49 -41.70
N GLU A 138 33.73 -23.97 -40.45
CA GLU A 138 34.47 -25.17 -40.04
C GLU A 138 33.62 -26.44 -40.10
N THR A 139 32.54 -26.50 -39.32
CA THR A 139 31.87 -27.76 -39.09
C THR A 139 30.36 -27.54 -39.08
N PRO A 140 29.54 -28.60 -38.97
CA PRO A 140 28.09 -28.39 -38.84
C PRO A 140 27.68 -27.62 -37.58
N GLY A 141 28.04 -28.10 -36.40
CA GLY A 141 27.56 -27.53 -35.16
C GLY A 141 27.03 -28.57 -34.20
N ILE A 142 27.09 -28.25 -32.90
CA ILE A 142 26.85 -29.25 -31.87
C ILE A 142 25.38 -29.64 -31.82
N ARG A 143 24.50 -28.67 -31.60
CA ARG A 143 23.04 -28.80 -31.79
C ARG A 143 22.40 -29.76 -30.77
N TYR A 144 22.31 -29.28 -29.53
CA TYR A 144 21.61 -29.97 -28.47
C TYR A 144 20.30 -29.27 -28.12
N GLN A 145 19.56 -29.89 -27.19
CA GLN A 145 18.42 -29.32 -26.49
C GLN A 145 18.51 -29.67 -25.01
N TYR A 146 17.84 -28.85 -24.18
CA TYR A 146 17.89 -28.99 -22.73
C TYR A 146 16.91 -30.05 -22.21
N ASN A 147 17.40 -30.89 -21.30
CA ASN A 147 16.56 -31.76 -20.49
C ASN A 147 16.34 -31.22 -19.08
N VAL A 148 17.03 -30.15 -18.69
CA VAL A 148 17.00 -29.60 -17.34
C VAL A 148 16.81 -28.09 -17.44
N LEU A 149 16.81 -27.41 -16.29
CA LEU A 149 16.58 -25.96 -16.26
C LEU A 149 17.76 -25.21 -16.85
N PRO A 150 17.58 -24.42 -17.91
CA PRO A 150 18.71 -23.67 -18.48
C PRO A 150 18.83 -22.27 -17.90
N GLN A 151 20.05 -21.74 -17.93
CA GLN A 151 20.33 -20.43 -17.36
C GLN A 151 20.09 -19.41 -18.45
N GLY A 152 19.09 -18.55 -18.25
CA GLY A 152 18.66 -17.63 -19.27
C GLY A 152 17.16 -17.66 -19.47
N TRP A 153 16.54 -18.79 -19.16
CA TRP A 153 15.10 -18.94 -19.29
C TRP A 153 14.42 -18.23 -18.14
N LYS A 154 13.31 -17.53 -18.44
CA LYS A 154 12.62 -16.80 -17.38
C LYS A 154 11.98 -17.73 -16.36
N GLY A 155 11.70 -18.98 -16.73
CA GLY A 155 11.02 -19.89 -15.81
C GLY A 155 11.91 -20.57 -14.79
N SER A 156 13.21 -20.60 -15.03
CA SER A 156 14.11 -21.44 -14.23
C SER A 156 14.22 -21.02 -12.75
N PRO A 157 14.32 -19.73 -12.41
CA PRO A 157 14.45 -19.36 -10.98
C PRO A 157 13.26 -19.78 -10.14
N ALA A 158 12.02 -19.47 -10.58
CA ALA A 158 10.85 -19.85 -9.80
C ALA A 158 10.69 -21.37 -9.73
N ILE A 159 10.90 -22.06 -10.84
CA ILE A 159 10.72 -23.50 -10.80
C ILE A 159 11.77 -24.12 -9.88
N PHE A 160 13.00 -23.60 -9.89
CA PHE A 160 14.01 -24.13 -9.00
C PHE A 160 13.67 -23.84 -7.53
N GLN A 161 13.28 -22.60 -7.23
CA GLN A 161 12.95 -22.27 -5.83
C GLN A 161 11.80 -23.13 -5.32
N SER A 162 10.75 -23.29 -6.12
CA SER A 162 9.63 -24.15 -5.73
C SER A 162 10.05 -25.61 -5.58
N SER A 163 10.96 -26.09 -6.45
CA SER A 163 11.40 -27.48 -6.34
C SER A 163 12.22 -27.70 -5.07
N MET A 164 13.15 -26.78 -4.81
CA MET A 164 13.95 -26.84 -3.59
C MET A 164 13.07 -26.84 -2.36
N THR A 165 11.98 -26.05 -2.39
CA THR A 165 11.07 -26.05 -1.24
C THR A 165 10.37 -27.39 -1.09
N LYS A 166 9.83 -27.94 -2.19
CA LYS A 166 9.19 -29.24 -2.08
C LYS A 166 10.16 -30.29 -1.53
N ILE A 167 11.44 -30.21 -1.93
CA ILE A 167 12.42 -31.19 -1.48
C ILE A 167 12.76 -30.99 -0.01
N LEU A 168 12.92 -29.74 0.44
CA LEU A 168 13.22 -29.50 1.85
C LEU A 168 12.03 -29.78 2.78
N GLU A 169 10.80 -29.80 2.26
CA GLU A 169 9.63 -29.86 3.12
C GLU A 169 9.64 -31.01 4.12
N PRO A 170 9.84 -32.28 3.74
CA PRO A 170 9.83 -33.34 4.76
C PRO A 170 10.94 -33.20 5.79
N PHE A 171 12.09 -32.63 5.41
CA PHE A 171 13.18 -32.49 6.37
C PHE A 171 12.86 -31.44 7.41
N ARG A 172 12.43 -30.24 6.97
CA ARG A 172 11.93 -29.23 7.91
C ARG A 172 10.83 -29.83 8.79
N LYS A 173 9.93 -30.62 8.20
CA LYS A 173 8.81 -31.11 8.98
C LYS A 173 9.29 -32.01 10.11
N GLN A 174 10.28 -32.86 9.88
CA GLN A 174 10.74 -33.67 11.00
C GLN A 174 11.96 -33.10 11.73
N ASN A 175 12.36 -31.85 11.48
CA ASN A 175 13.43 -31.20 12.25
C ASN A 175 13.05 -29.77 12.59
N PRO A 176 12.04 -29.58 13.46
CA PRO A 176 11.56 -28.22 13.76
C PRO A 176 12.59 -27.31 14.42
N ASP A 177 13.56 -27.88 15.13
CA ASP A 177 14.57 -27.12 15.86
C ASP A 177 15.79 -26.78 15.00
N ILE A 178 15.78 -27.13 13.71
CA ILE A 178 16.81 -26.69 12.77
C ILE A 178 16.18 -25.64 11.87
N VAL A 179 16.91 -24.55 11.63
CA VAL A 179 16.43 -23.50 10.77
C VAL A 179 17.25 -23.55 9.48
N ILE A 180 16.56 -23.54 8.35
CA ILE A 180 17.17 -23.58 7.02
C ILE A 180 16.72 -22.33 6.28
N TYR A 181 17.64 -21.40 6.09
CA TYR A 181 17.42 -20.25 5.21
C TYR A 181 17.81 -20.67 3.80
N GLN A 182 16.84 -20.60 2.89
CA GLN A 182 16.94 -21.19 1.56
C GLN A 182 16.87 -20.07 0.54
N TYR A 183 18.03 -19.64 0.03
CA TYR A 183 18.07 -18.60 -0.98
C TYR A 183 18.89 -19.13 -2.15
N MET A 184 18.48 -18.83 -3.37
CA MET A 184 18.22 -19.82 -4.41
C MET A 184 18.82 -21.22 -4.19
N ASP A 185 20.14 -21.43 -4.34
CA ASP A 185 20.71 -22.76 -4.14
C ASP A 185 21.67 -22.80 -2.95
N ASP A 186 21.76 -21.72 -2.21
CA ASP A 186 22.54 -21.66 -0.99
C ASP A 186 21.63 -21.85 0.21
N LEU A 187 22.12 -22.66 1.15
CA LEU A 187 21.38 -23.03 2.35
C LEU A 187 22.20 -22.61 3.57
N TYR A 188 21.60 -21.78 4.42
CA TYR A 188 22.12 -21.53 5.76
C TYR A 188 21.38 -22.45 6.72
N VAL A 189 22.12 -23.15 7.58
CA VAL A 189 21.53 -24.17 8.44
C VAL A 189 22.03 -23.90 9.85
N GLY A 190 21.12 -23.48 10.74
CA GLY A 190 21.47 -23.16 12.10
C GLY A 190 20.75 -24.05 13.09
N SER A 191 21.42 -24.34 14.21
CA SER A 191 20.84 -25.16 15.27
C SER A 191 21.49 -24.80 16.60
N ASP A 192 20.87 -25.27 17.68
CA ASP A 192 21.45 -25.15 19.01
C ASP A 192 22.08 -26.45 19.47
N LEU A 193 22.34 -27.36 18.55
CA LEU A 193 22.93 -28.64 18.91
C LEU A 193 24.43 -28.48 19.13
N GLU A 194 24.96 -29.32 20.01
CA GLU A 194 26.41 -29.42 20.15
C GLU A 194 27.03 -29.83 18.81
N ILE A 195 28.28 -29.40 18.61
CA ILE A 195 28.92 -29.51 17.30
C ILE A 195 28.81 -30.92 16.73
N GLY A 196 28.93 -31.96 17.56
CA GLY A 196 28.84 -33.31 17.05
C GLY A 196 27.47 -33.63 16.48
N GLN A 197 26.43 -33.40 17.30
CA GLN A 197 25.07 -33.71 16.87
C GLN A 197 24.67 -32.86 15.67
N HIS A 198 25.15 -31.61 15.62
CA HIS A 198 24.86 -30.74 14.48
C HIS A 198 25.45 -31.31 13.20
N ARG A 199 26.67 -31.84 13.27
CA ARG A 199 27.28 -32.37 12.05
C ARG A 199 26.59 -33.66 11.59
N THR A 200 26.12 -34.48 12.54
CA THR A 200 25.29 -35.62 12.14
C THR A 200 24.02 -35.18 11.41
N LYS A 201 23.34 -34.15 11.95
CA LYS A 201 22.13 -33.64 11.27
C LYS A 201 22.47 -33.04 9.91
N ILE A 202 23.61 -32.37 9.80
CA ILE A 202 24.05 -31.84 8.51
C ILE A 202 24.21 -32.98 7.52
N GLU A 203 24.82 -34.07 7.96
CA GLU A 203 25.01 -35.21 7.07
C GLU A 203 23.68 -35.81 6.67
N GLU A 204 22.70 -35.83 7.59
CA GLU A 204 21.35 -36.24 7.21
C GLU A 204 20.80 -35.35 6.10
N LEU A 205 20.91 -34.04 6.28
CA LEU A 205 20.42 -33.10 5.27
C LEU A 205 21.10 -33.34 3.92
N ARG A 206 22.41 -33.57 3.92
CA ARG A 206 23.12 -33.76 2.68
C ARG A 206 22.72 -35.07 2.00
N GLN A 207 22.54 -36.14 2.79
CA GLN A 207 22.08 -37.41 2.23
C GLN A 207 20.68 -37.28 1.67
N HIS A 208 19.84 -36.50 2.35
CA HIS A 208 18.48 -36.28 1.89
C HIS A 208 18.46 -35.53 0.58
N LEU A 209 19.27 -34.47 0.47
CA LEU A 209 19.43 -33.76 -0.79
C LEU A 209 19.93 -34.68 -1.89
N LEU A 210 20.88 -35.58 -1.56
CA LEU A 210 21.39 -36.53 -2.53
C LEU A 210 20.28 -37.43 -3.06
N ARG A 211 19.48 -38.01 -2.15
CA ARG A 211 18.35 -38.82 -2.58
C ARG A 211 17.44 -38.06 -3.55
N TRP A 212 17.36 -36.74 -3.43
CA TRP A 212 16.57 -35.98 -4.38
C TRP A 212 17.42 -35.42 -5.52
N GLY A 213 18.63 -35.94 -5.70
CA GLY A 213 19.43 -35.55 -6.84
C GLY A 213 20.29 -34.32 -6.71
N LEU A 214 20.41 -33.75 -5.51
CA LEU A 214 21.15 -32.50 -5.29
C LEU A 214 22.44 -32.77 -4.54
N THR A 215 23.57 -32.48 -5.18
CA THR A 215 24.84 -32.57 -4.48
C THR A 215 25.15 -31.28 -3.73
N THR A 216 25.93 -31.43 -2.66
CA THR A 216 26.53 -30.34 -1.91
C THR A 216 28.04 -30.58 -1.88
N PRO A 217 28.76 -30.07 -2.87
CA PRO A 217 30.21 -30.26 -2.90
C PRO A 217 30.90 -29.68 -1.67
N ASP A 218 31.98 -30.35 -1.27
CA ASP A 218 32.71 -29.99 -0.06
C ASP A 218 33.51 -28.72 -0.22
N LYS A 219 33.94 -28.41 -1.45
CA LYS A 219 34.67 -27.17 -1.69
C LYS A 219 33.87 -25.95 -1.23
N LYS A 220 32.54 -26.06 -1.22
CA LYS A 220 31.64 -24.96 -0.87
C LYS A 220 30.87 -25.24 0.42
N HIS A 221 31.31 -26.23 1.19
CA HIS A 221 30.71 -26.55 2.48
C HIS A 221 31.44 -25.75 3.56
N GLN A 222 30.84 -24.64 4.00
CA GLN A 222 31.44 -23.79 5.02
C GLN A 222 31.11 -24.34 6.41
N LYS A 223 32.14 -24.48 7.24
CA LYS A 223 32.00 -25.14 8.53
C LYS A 223 32.45 -24.31 9.73
N GLU A 224 33.25 -23.25 9.52
CA GLU A 224 33.78 -22.42 10.58
C GLU A 224 33.51 -20.95 10.29
N PRO A 225 33.35 -20.12 11.32
CA PRO A 225 33.19 -18.69 11.07
C PRO A 225 34.48 -18.07 10.59
N PRO A 226 34.41 -16.95 9.83
CA PRO A 226 33.18 -16.27 9.44
C PRO A 226 32.51 -16.95 8.24
N PHE A 227 31.20 -17.09 8.27
CA PHE A 227 30.47 -17.68 7.15
C PHE A 227 30.16 -16.60 6.11
N LEU A 228 30.38 -16.92 4.83
CA LEU A 228 30.05 -16.01 3.74
C LEU A 228 28.63 -16.29 3.28
N TRP A 229 27.75 -15.30 3.38
CA TRP A 229 26.34 -15.55 3.14
C TRP A 229 25.64 -14.27 2.73
N MET A 230 24.96 -14.31 1.57
CA MET A 230 24.08 -13.24 1.10
C MET A 230 24.77 -11.89 1.04
N GLY A 231 26.10 -11.88 1.00
CA GLY A 231 26.87 -10.67 0.87
C GLY A 231 27.54 -10.23 2.16
N TYR A 232 27.44 -11.03 3.20
CA TYR A 232 27.88 -10.68 4.53
C TYR A 232 28.89 -11.72 5.04
N GLU A 233 29.54 -11.33 6.14
CA GLU A 233 30.33 -12.22 6.97
C GLU A 233 29.61 -12.39 8.30
N LEU A 234 29.10 -13.61 8.53
CA LEU A 234 28.46 -13.99 9.79
C LEU A 234 29.50 -14.54 10.75
N HIS A 235 29.76 -13.79 11.81
CA HIS A 235 30.51 -14.24 12.99
C HIS A 235 29.53 -14.70 14.06
N PRO A 236 30.02 -15.38 15.11
CA PRO A 236 29.06 -15.90 16.10
C PRO A 236 28.22 -14.83 16.80
N ASP A 237 28.76 -13.65 17.08
CA ASP A 237 27.97 -12.62 17.77
C ASP A 237 27.74 -11.35 16.97
N LYS A 238 28.27 -11.26 15.75
CA LYS A 238 28.06 -10.06 14.95
C LYS A 238 28.10 -10.45 13.49
N TRP A 239 27.60 -9.57 12.64
CA TRP A 239 27.69 -9.72 11.20
C TRP A 239 28.22 -8.43 10.62
N THR A 240 28.86 -8.54 9.46
CA THR A 240 29.36 -7.38 8.75
C THR A 240 29.05 -7.54 7.27
N VAL A 241 29.10 -6.43 6.55
CA VAL A 241 28.97 -6.41 5.09
C VAL A 241 30.36 -6.56 4.49
N GLN A 242 30.47 -7.40 3.46
CA GLN A 242 31.71 -7.46 2.70
C GLN A 242 32.02 -6.07 2.14
N PRO A 243 33.30 -5.74 1.95
CA PRO A 243 33.69 -4.32 1.89
C PRO A 243 33.06 -3.58 0.71
N ILE A 244 32.67 -2.33 0.97
CA ILE A 244 32.04 -1.46 -0.02
C ILE A 244 33.12 -0.52 -0.53
N VAL A 245 33.41 -0.57 -1.84
CA VAL A 245 34.46 0.25 -2.45
C VAL A 245 33.81 1.30 -3.35
N LEU A 246 34.07 2.61 -3.03
CA LEU A 246 33.47 3.64 -3.87
C LEU A 246 34.44 4.08 -4.96
N PRO A 247 33.91 4.41 -6.15
CA PRO A 247 34.77 4.95 -7.21
C PRO A 247 35.47 6.24 -6.79
N GLU A 248 36.63 6.47 -7.38
CA GLU A 248 37.40 7.69 -7.12
C GLU A 248 37.60 8.49 -8.41
N LYS A 249 36.56 8.54 -9.25
CA LYS A 249 36.62 9.22 -10.54
C LYS A 249 36.95 10.71 -10.39
N ASP A 250 37.62 11.24 -11.41
CA ASP A 250 37.85 12.68 -11.51
C ASP A 250 36.76 13.37 -12.33
N SER A 251 36.53 12.89 -13.54
CA SER A 251 35.31 13.22 -14.26
C SER A 251 34.21 12.25 -13.82
N TRP A 252 32.98 12.73 -13.78
CA TRP A 252 31.86 11.92 -13.31
C TRP A 252 30.81 11.84 -14.40
N THR A 253 30.41 10.61 -14.72
CA THR A 253 29.35 10.39 -15.69
C THR A 253 28.11 9.83 -15.01
N VAL A 254 26.96 10.00 -15.68
CA VAL A 254 25.68 9.59 -15.11
C VAL A 254 25.71 8.14 -14.66
N ASN A 255 26.26 7.26 -15.49
CA ASN A 255 26.45 5.87 -15.09
C ASN A 255 27.29 5.77 -13.82
N ASP A 256 28.30 6.63 -13.68
CA ASP A 256 29.15 6.59 -12.50
C ASP A 256 28.40 7.03 -11.26
N ILE A 257 27.52 8.03 -11.40
CA ILE A 257 26.73 8.50 -10.27
C ILE A 257 25.69 7.46 -9.88
N CYS A 258 25.11 6.75 -10.87
CA CYS A 258 24.24 5.63 -10.56
C CYS A 258 24.96 4.57 -9.75
N LYS A 259 26.16 4.17 -10.19
CA LYS A 259 26.93 3.19 -9.44
C LYS A 259 27.23 3.68 -8.02
N LEU A 260 27.61 4.96 -7.89
CA LEU A 260 27.96 5.51 -6.58
C LEU A 260 26.75 5.49 -5.64
N VAL A 261 25.64 6.08 -6.08
CA VAL A 261 24.42 6.11 -5.27
C VAL A 261 23.96 4.69 -4.94
N GLY A 262 24.11 3.75 -5.87
CA GLY A 262 23.69 2.38 -5.60
C GLY A 262 24.50 1.73 -4.49
N LYS A 263 25.83 1.94 -4.53
CA LYS A 263 26.66 1.42 -3.44
C LYS A 263 26.36 2.13 -2.12
N LEU A 264 26.01 3.41 -2.17
CA LEU A 264 25.69 4.11 -0.93
C LEU A 264 24.38 3.59 -0.34
N ASN A 265 23.40 3.31 -1.19
CA ASN A 265 22.15 2.74 -0.69
C ASN A 265 22.40 1.38 -0.07
N TRP A 266 23.22 0.56 -0.71
CA TRP A 266 23.54 -0.74 -0.11
C TRP A 266 24.26 -0.57 1.22
N ALA A 267 25.19 0.38 1.31
CA ALA A 267 25.91 0.58 2.57
C ALA A 267 25.00 1.09 3.69
N SER A 268 23.95 1.85 3.36
CA SER A 268 23.18 2.50 4.41
C SER A 268 22.45 1.52 5.33
N GLN A 269 22.41 0.23 5.00
CA GLN A 269 21.81 -0.73 5.92
C GLN A 269 22.62 -0.93 7.20
N ILE A 270 23.93 -0.65 7.18
CA ILE A 270 24.70 -0.87 8.40
C ILE A 270 25.50 0.38 8.76
N TYR A 271 26.01 1.09 7.75
CA TYR A 271 26.72 2.35 8.00
C TYR A 271 25.72 3.47 8.26
N PRO A 272 25.76 4.12 9.41
CA PRO A 272 24.75 5.11 9.75
C PRO A 272 25.03 6.48 9.15
N GLY A 273 23.95 7.18 8.78
CA GLY A 273 24.06 8.56 8.37
C GLY A 273 24.31 8.83 6.91
N ILE A 274 24.38 7.81 6.06
CA ILE A 274 24.52 7.98 4.62
C ILE A 274 23.45 8.92 4.09
N LYS A 275 23.85 9.87 3.25
CA LYS A 275 22.93 10.77 2.55
C LYS A 275 23.22 10.74 1.05
N VAL A 276 22.19 10.75 0.22
CA VAL A 276 22.43 10.79 -1.21
C VAL A 276 21.59 11.84 -1.95
N ARG A 277 21.04 12.82 -1.21
CA ARG A 277 20.14 13.76 -1.88
C ARG A 277 20.85 14.54 -2.98
N GLN A 278 22.03 15.10 -2.67
CA GLN A 278 22.76 15.95 -3.64
C GLN A 278 23.33 15.15 -4.80
N LEU A 279 23.98 14.02 -4.50
CA LEU A 279 24.38 13.10 -5.55
C LEU A 279 23.20 12.76 -6.45
N SER A 280 22.02 12.51 -5.86
CA SER A 280 20.87 12.14 -6.67
C SER A 280 20.40 13.30 -7.53
N LYS A 281 20.37 14.52 -6.95
CA LYS A 281 20.06 15.73 -7.71
C LYS A 281 20.86 15.79 -9.00
N LEU A 282 22.15 15.43 -8.93
CA LEU A 282 22.99 15.47 -10.13
C LEU A 282 22.43 14.70 -11.32
N LEU A 283 21.33 13.97 -11.14
CA LEU A 283 20.74 13.15 -12.20
C LEU A 283 19.51 13.76 -12.83
N ARG A 284 19.04 14.93 -12.37
CA ARG A 284 17.72 15.41 -12.76
C ARG A 284 17.55 15.57 -14.26
N GLY A 285 18.27 16.49 -14.88
CA GLY A 285 17.99 16.75 -16.28
C GLY A 285 18.63 15.81 -17.28
N THR A 286 19.37 14.81 -16.82
CA THR A 286 20.26 14.07 -17.70
C THR A 286 19.50 13.35 -18.80
N LYS A 287 20.23 12.95 -19.84
CA LYS A 287 19.64 12.23 -20.95
C LYS A 287 20.55 11.14 -21.51
N ALA A 288 21.67 10.82 -20.86
CA ALA A 288 22.53 9.77 -21.38
C ALA A 288 23.35 9.17 -20.25
N LEU A 289 23.58 7.87 -20.31
CA LEU A 289 24.50 7.22 -19.38
C LEU A 289 25.93 7.73 -19.53
N THR A 290 26.27 8.31 -20.67
CA THR A 290 27.63 8.77 -20.93
C THR A 290 27.81 10.27 -20.75
N GLU A 291 26.75 11.01 -20.40
CA GLU A 291 26.89 12.44 -20.18
C GLU A 291 27.71 12.71 -18.92
N VAL A 292 28.75 13.53 -19.05
CA VAL A 292 29.55 13.93 -17.90
C VAL A 292 28.81 14.99 -17.11
N ILE A 293 28.78 14.83 -15.79
CA ILE A 293 28.08 15.73 -14.89
C ILE A 293 29.10 16.31 -13.93
N PRO A 294 29.17 17.64 -13.77
CA PRO A 294 30.04 18.21 -12.74
C PRO A 294 29.34 18.26 -11.39
N LEU A 295 30.07 17.86 -10.35
CA LEU A 295 29.54 17.88 -8.99
C LEU A 295 29.37 19.32 -8.52
N THR A 296 28.17 19.65 -8.05
CA THR A 296 28.00 20.88 -7.30
C THR A 296 28.84 20.83 -6.02
N GLU A 297 29.09 22.01 -5.44
CA GLU A 297 29.82 22.04 -4.18
C GLU A 297 29.08 21.28 -3.09
N GLU A 298 27.74 21.30 -3.13
CA GLU A 298 26.96 20.56 -2.16
C GLU A 298 27.15 19.06 -2.33
N ALA A 299 27.17 18.60 -3.58
CA ALA A 299 27.42 17.18 -3.83
C ALA A 299 28.82 16.80 -3.40
N GLU A 300 29.81 17.66 -3.64
CA GLU A 300 31.16 17.42 -3.14
C GLU A 300 31.14 17.17 -1.64
N LEU A 301 30.50 18.07 -0.88
CA LEU A 301 30.44 17.94 0.57
C LEU A 301 29.79 16.62 0.98
N GLU A 302 28.63 16.31 0.38
CA GLU A 302 27.91 15.10 0.74
C GLU A 302 28.78 13.85 0.49
N LEU A 303 29.43 13.80 -0.67
CA LEU A 303 30.27 12.65 -0.99
C LEU A 303 31.44 12.52 -0.02
N ALA A 304 32.08 13.63 0.35
CA ALA A 304 33.16 13.57 1.31
C ALA A 304 32.69 13.02 2.65
N GLU A 305 31.52 13.48 3.09
CA GLU A 305 30.97 12.98 4.35
C GLU A 305 30.74 11.47 4.27
N ASN A 306 30.15 11.00 3.17
CA ASN A 306 29.90 9.56 3.02
C ASN A 306 31.20 8.77 3.03
N ARG A 307 32.26 9.29 2.40
CA ARG A 307 33.54 8.61 2.44
C ARG A 307 34.04 8.43 3.86
N GLU A 308 34.03 9.53 4.64
CA GLU A 308 34.50 9.45 6.03
C GLU A 308 33.63 8.49 6.85
N ILE A 309 32.33 8.47 6.58
CA ILE A 309 31.46 7.46 7.20
C ILE A 309 31.99 6.06 6.90
N LEU A 310 32.29 5.79 5.63
CA LEU A 310 32.66 4.44 5.21
C LEU A 310 34.06 4.03 5.68
N LYS A 311 34.88 4.96 6.14
CA LYS A 311 36.18 4.60 6.69
C LYS A 311 36.10 4.04 8.12
N GLU A 312 34.92 3.95 8.70
CA GLU A 312 34.74 3.53 10.10
C GLU A 312 34.39 2.04 10.20
N PRO A 313 34.88 1.35 11.23
CA PRO A 313 34.50 -0.06 11.41
C PRO A 313 33.09 -0.15 11.94
N VAL A 314 32.28 -1.03 11.35
CA VAL A 314 30.88 -1.12 11.70
C VAL A 314 30.45 -2.59 11.68
N HIS A 315 29.45 -2.91 12.49
CA HIS A 315 28.94 -4.27 12.53
C HIS A 315 27.51 -4.27 13.06
N GLY A 316 26.78 -5.32 12.73
CA GLY A 316 25.45 -5.55 13.26
C GLY A 316 25.46 -6.75 14.19
N VAL A 317 24.33 -6.94 14.88
CA VAL A 317 24.12 -8.05 15.80
C VAL A 317 22.87 -8.85 15.38
N TYR A 318 22.59 -9.93 16.10
CA TYR A 318 21.49 -10.82 15.75
C TYR A 318 20.29 -10.53 16.63
N TYR A 319 19.14 -11.00 16.17
CA TYR A 319 17.87 -10.72 16.82
C TYR A 319 17.66 -11.63 18.01
N ASP A 320 17.29 -11.03 19.15
CA ASP A 320 16.91 -11.77 20.35
C ASP A 320 15.43 -11.57 20.57
N PRO A 321 14.60 -12.57 20.29
CA PRO A 321 13.15 -12.33 20.26
C PRO A 321 12.54 -12.05 21.63
N SER A 322 13.29 -12.27 22.70
CA SER A 322 12.79 -12.02 24.04
C SER A 322 13.03 -10.59 24.48
N LYS A 323 13.53 -9.74 23.59
CA LYS A 323 13.76 -8.32 23.87
C LYS A 323 12.97 -7.46 22.89
N ASP A 324 12.72 -6.22 23.29
CA ASP A 324 12.00 -5.30 22.43
C ASP A 324 12.84 -4.88 21.23
N LEU A 325 12.15 -4.63 20.12
CA LEU A 325 12.72 -3.94 18.97
C LEU A 325 12.52 -2.46 19.16
N ILE A 326 13.58 -1.68 18.97
CA ILE A 326 13.52 -0.24 19.12
C ILE A 326 14.08 0.41 17.87
N ALA A 327 13.29 1.28 17.26
CA ALA A 327 13.70 2.07 16.10
C ALA A 327 13.82 3.52 16.54
N GLU A 328 14.94 4.15 16.22
CA GLU A 328 15.21 5.54 16.59
C GLU A 328 15.48 6.33 15.32
N ILE A 329 14.81 7.48 15.19
CA ILE A 329 14.89 8.27 13.96
C ILE A 329 15.54 9.62 14.23
N GLN A 330 16.44 10.04 13.34
CA GLN A 330 17.04 11.37 13.38
C GLN A 330 16.78 12.11 12.07
N LYS A 331 16.36 13.37 12.19
CA LYS A 331 16.22 14.25 11.06
C LYS A 331 17.58 14.71 10.57
N GLN A 332 17.82 14.60 9.26
CA GLN A 332 18.89 15.27 8.58
C GLN A 332 18.26 16.37 7.73
N GLY A 333 19.07 17.08 6.98
CA GLY A 333 18.50 18.16 6.19
C GLY A 333 17.66 17.66 5.02
N GLN A 334 16.83 18.58 4.51
CA GLN A 334 16.34 18.52 3.13
C GLN A 334 15.55 17.24 2.84
N GLY A 335 14.66 16.87 3.77
CA GLY A 335 13.82 15.70 3.58
C GLY A 335 14.51 14.36 3.74
N GLN A 336 15.63 14.32 4.46
CA GLN A 336 16.40 13.10 4.69
C GLN A 336 16.30 12.68 6.15
N TRP A 337 16.22 11.37 6.37
CA TRP A 337 16.07 10.82 7.72
C TRP A 337 16.96 9.58 7.84
N THR A 338 17.60 9.41 8.99
CA THR A 338 18.35 8.20 9.32
C THR A 338 17.62 7.47 10.43
N TYR A 339 17.79 6.16 10.46
CA TYR A 339 17.30 5.42 11.62
C TYR A 339 18.25 4.29 11.99
N GLN A 340 18.17 3.92 13.27
CA GLN A 340 18.83 2.72 13.78
C GLN A 340 17.79 1.85 14.46
N ILE A 341 17.85 0.54 14.20
CA ILE A 341 17.05 -0.45 14.89
C ILE A 341 17.98 -1.30 15.75
N TYR A 342 17.65 -1.39 17.04
CA TYR A 342 18.46 -2.06 18.04
C TYR A 342 17.56 -2.65 19.13
N GLN A 343 18.18 -3.43 20.02
CA GLN A 343 17.51 -3.93 21.20
C GLN A 343 18.21 -3.56 22.49
N GLU A 344 19.53 -3.34 22.44
CA GLU A 344 20.34 -2.79 23.51
C GLU A 344 21.01 -1.51 23.03
N PRO A 345 21.23 -0.56 23.93
CA PRO A 345 21.53 0.82 23.55
C PRO A 345 22.45 1.10 22.35
N PHE A 346 23.69 0.63 22.35
CA PHE A 346 24.62 0.96 21.27
C PHE A 346 24.96 -0.27 20.43
N LYS A 347 23.99 -1.14 20.19
CA LYS A 347 24.21 -2.40 19.48
C LYS A 347 23.13 -2.52 18.41
N ASN A 348 23.35 -1.89 17.26
CA ASN A 348 22.35 -1.89 16.20
C ASN A 348 22.15 -3.28 15.60
N LEU A 349 20.88 -3.65 15.42
CA LEU A 349 20.60 -4.73 14.49
C LEU A 349 20.86 -4.26 13.07
N LYS A 350 20.33 -3.09 12.72
CA LYS A 350 20.65 -2.51 11.42
C LYS A 350 20.38 -1.01 11.45
N THR A 351 20.73 -0.35 10.35
CA THR A 351 20.47 1.07 10.16
C THR A 351 19.75 1.25 8.83
N GLY A 352 19.35 2.49 8.55
CA GLY A 352 18.65 2.75 7.32
C GLY A 352 18.46 4.23 7.10
N LYS A 353 17.90 4.56 5.92
CA LYS A 353 17.58 5.92 5.57
C LYS A 353 16.22 5.97 4.87
N TYR A 354 15.61 7.15 4.92
CA TYR A 354 14.37 7.43 4.20
C TYR A 354 14.48 8.87 3.72
N ALA A 355 14.38 9.06 2.41
CA ALA A 355 14.54 10.39 1.85
C ALA A 355 13.63 10.63 0.66
N ARG A 356 12.52 9.92 0.56
CA ARG A 356 11.63 10.07 -0.57
C ARG A 356 10.81 11.35 -0.40
N MET A 357 10.87 12.24 -1.38
CA MET A 357 10.15 13.51 -1.35
C MET A 357 8.77 13.32 -1.94
N ARG A 358 7.74 13.57 -1.14
CA ARG A 358 6.36 13.38 -1.57
C ARG A 358 5.61 14.68 -1.31
N GLY A 359 5.05 15.24 -2.37
CA GLY A 359 4.29 16.48 -2.26
C GLY A 359 5.08 17.70 -2.69
N ALA A 360 4.43 18.56 -3.47
CA ALA A 360 4.97 19.89 -3.73
C ALA A 360 5.31 20.63 -2.44
N HIS A 361 4.41 20.57 -1.46
CA HIS A 361 4.55 21.32 -0.23
C HIS A 361 4.28 20.38 0.92
N THR A 362 5.21 20.31 1.87
CA THR A 362 5.08 19.36 2.96
C THR A 362 5.76 19.94 4.19
N ASN A 363 5.69 19.20 5.30
CA ASN A 363 6.41 19.60 6.51
C ASN A 363 7.04 18.39 7.18
N ASP A 364 7.78 18.67 8.26
CA ASP A 364 8.58 17.65 8.93
C ASP A 364 7.72 16.62 9.63
N VAL A 365 6.50 16.98 10.05
CA VAL A 365 5.65 16.00 10.71
C VAL A 365 5.12 14.95 9.72
N LYS A 366 4.70 15.39 8.53
CA LYS A 366 4.30 14.45 7.48
C LYS A 366 5.46 13.52 7.10
N GLN A 367 6.64 14.09 6.89
CA GLN A 367 7.79 13.28 6.50
C GLN A 367 8.12 12.27 7.59
N LEU A 368 8.09 12.69 8.86
CA LEU A 368 8.39 11.77 9.95
C LEU A 368 7.37 10.64 10.00
N THR A 369 6.11 10.94 9.72
CA THR A 369 5.09 9.89 9.65
C THR A 369 5.38 8.90 8.53
N GLU A 370 5.77 9.40 7.36
CA GLU A 370 6.12 8.52 6.25
C GLU A 370 7.29 7.62 6.64
N ALA A 371 8.29 8.19 7.31
CA ALA A 371 9.44 7.39 7.74
C ALA A 371 9.01 6.32 8.73
N VAL A 372 8.13 6.66 9.68
CA VAL A 372 7.66 5.68 10.65
C VAL A 372 6.95 4.52 9.95
N GLN A 373 6.13 4.82 8.94
CA GLN A 373 5.41 3.75 8.25
C GLN A 373 6.35 2.86 7.44
N LYS A 374 7.35 3.45 6.78
CA LYS A 374 8.32 2.64 6.04
C LYS A 374 9.08 1.73 6.99
N ILE A 375 9.55 2.28 8.11
CA ILE A 375 10.31 1.48 9.07
C ILE A 375 9.44 0.36 9.62
N THR A 376 8.15 0.65 9.85
CA THR A 376 7.24 -0.36 10.37
C THR A 376 7.09 -1.53 9.40
N THR A 377 6.87 -1.24 8.12
CA THR A 377 6.69 -2.31 7.15
C THR A 377 7.98 -3.14 6.99
N GLU A 378 9.11 -2.45 6.86
CA GLU A 378 10.39 -3.14 6.79
C GLU A 378 10.62 -4.03 8.02
N SER A 379 10.19 -3.57 9.19
CA SER A 379 10.37 -4.36 10.40
C SER A 379 9.45 -5.57 10.40
N ILE A 380 8.24 -5.43 9.89
CA ILE A 380 7.33 -6.57 9.86
C ILE A 380 7.90 -7.63 8.94
N VAL A 381 8.52 -7.21 7.84
CA VAL A 381 9.16 -8.17 6.94
C VAL A 381 10.31 -8.89 7.66
N ILE A 382 11.21 -8.13 8.30
CA ILE A 382 12.42 -8.75 8.82
C ILE A 382 12.17 -9.56 10.11
N TRP A 383 11.36 -9.03 11.01
CA TRP A 383 11.15 -9.66 12.32
C TRP A 383 9.72 -10.03 12.63
N GLY A 384 8.75 -9.69 11.77
CA GLY A 384 7.37 -10.07 12.03
C GLY A 384 6.71 -9.34 13.17
N LYS A 385 7.31 -8.23 13.62
CA LYS A 385 6.86 -7.48 14.77
C LYS A 385 7.02 -6.02 14.42
N THR A 386 6.21 -5.17 15.04
CA THR A 386 6.40 -3.73 14.87
C THR A 386 7.35 -3.21 15.95
N PRO A 387 8.30 -2.33 15.65
CA PRO A 387 9.18 -1.81 16.69
C PRO A 387 8.53 -0.70 17.50
N LYS A 388 9.03 -0.53 18.71
CA LYS A 388 8.78 0.66 19.51
C LYS A 388 9.64 1.79 18.98
N PHE A 389 9.06 2.98 18.86
CA PHE A 389 9.77 4.09 18.26
C PHE A 389 10.27 5.09 19.29
N LYS A 390 11.48 5.59 19.06
CA LYS A 390 12.04 6.77 19.69
C LYS A 390 12.22 7.84 18.62
N LEU A 391 11.45 8.92 18.75
CA LEU A 391 11.24 9.98 17.78
C LEU A 391 11.63 11.35 18.33
N PRO A 392 12.18 12.24 17.49
CA PRO A 392 12.53 13.60 17.94
C PRO A 392 11.38 14.60 17.73
N ILE A 393 10.21 14.28 18.27
CA ILE A 393 9.03 15.13 18.19
C ILE A 393 8.35 15.08 19.56
N GLN A 394 7.90 16.25 20.03
CA GLN A 394 7.24 16.32 21.33
C GLN A 394 5.86 15.72 21.25
N LYS A 395 5.48 15.01 22.32
CA LYS A 395 4.12 14.49 22.41
C LYS A 395 3.10 15.58 22.14
N GLU A 396 3.33 16.80 22.66
CA GLU A 396 2.40 17.90 22.42
C GLU A 396 2.34 18.28 20.95
N THR A 397 3.49 18.38 20.29
CA THR A 397 3.49 18.70 18.86
C THR A 397 2.65 17.70 18.08
N TRP A 398 2.80 16.42 18.40
CA TRP A 398 2.04 15.40 17.70
C TRP A 398 0.55 15.51 18.01
N GLU A 399 0.20 15.75 19.28
CA GLU A 399 -1.20 15.95 19.66
C GLU A 399 -1.81 17.12 18.90
N THR A 400 -1.10 18.24 18.81
CA THR A 400 -1.63 19.40 18.11
C THR A 400 -1.83 19.09 16.63
N TRP A 401 -0.80 18.51 15.99
CA TRP A 401 -0.89 18.21 14.57
C TRP A 401 -2.04 17.26 14.26
N TRP A 402 -2.16 16.16 15.01
CA TRP A 402 -3.24 15.22 14.74
C TRP A 402 -4.61 15.80 15.09
N THR A 403 -4.66 16.73 16.05
CA THR A 403 -5.93 17.38 16.35
C THR A 403 -6.37 18.30 15.21
N GLU A 404 -5.46 19.14 14.72
CA GLU A 404 -5.83 20.13 13.72
C GLU A 404 -5.87 19.58 12.29
N TYR A 405 -5.27 18.42 12.02
CA TYR A 405 -5.10 17.93 10.65
C TYR A 405 -6.26 17.06 10.21
N TRP A 406 -6.76 17.31 9.00
CA TRP A 406 -8.03 16.77 8.53
C TRP A 406 -7.91 15.42 7.83
N GLN A 407 -6.73 14.81 7.83
CA GLN A 407 -6.60 13.45 7.36
C GLN A 407 -6.36 12.53 8.55
N ALA A 408 -6.88 11.31 8.45
CA ALA A 408 -6.56 10.32 9.47
C ALA A 408 -5.06 10.04 9.46
N THR A 409 -4.43 10.17 10.63
CA THR A 409 -3.03 9.83 10.74
C THR A 409 -2.81 9.16 12.09
N TRP A 410 -1.76 8.35 12.17
CA TRP A 410 -1.50 7.59 13.39
C TRP A 410 -0.08 7.07 13.39
N ILE A 411 0.48 6.95 14.59
CA ILE A 411 1.84 6.47 14.81
C ILE A 411 1.81 5.52 15.99
N PRO A 412 2.37 4.31 15.87
CA PRO A 412 2.32 3.35 17.00
C PRO A 412 3.14 3.79 18.19
N GLU A 413 3.22 2.94 19.22
CA GLU A 413 3.80 3.33 20.51
C GLU A 413 5.16 4.01 20.34
N TRP A 414 5.29 5.21 20.91
CA TRP A 414 6.54 5.94 20.74
C TRP A 414 6.81 6.79 21.97
N GLU A 415 8.09 7.11 22.16
CA GLU A 415 8.57 7.93 23.26
C GLU A 415 9.44 9.02 22.67
N PHE A 416 9.45 10.16 23.32
CA PHE A 416 10.18 11.31 22.81
C PHE A 416 11.67 11.18 23.11
N VAL A 417 12.48 11.66 22.17
CA VAL A 417 13.93 11.72 22.32
C VAL A 417 14.36 13.14 22.05
N ASN A 418 15.09 13.74 23.01
CA ASN A 418 15.35 15.18 23.03
C ASN A 418 16.69 15.54 22.40
N THR A 419 17.11 14.81 21.39
CA THR A 419 18.33 15.16 20.67
C THR A 419 17.97 15.94 19.42
N PRO A 420 18.34 17.22 19.33
CA PRO A 420 18.01 18.04 18.14
C PRO A 420 18.64 17.49 16.88
N PRO A 421 18.13 17.87 15.70
CA PRO A 421 17.04 18.83 15.48
C PRO A 421 15.67 18.26 15.79
N LEU A 422 14.90 18.99 16.59
CA LEU A 422 13.56 18.54 16.92
C LEU A 422 12.58 18.86 15.80
N VAL A 423 11.51 18.09 15.74
CA VAL A 423 10.48 18.24 14.73
C VAL A 423 9.36 19.06 15.33
N LYS A 424 9.12 20.23 14.75
CA LYS A 424 8.14 21.18 15.25
C LYS A 424 7.26 21.65 14.10
N LEU A 425 6.07 22.12 14.46
CA LEU A 425 5.35 23.01 13.59
C LEU A 425 5.86 24.43 13.82
N TRP A 426 6.10 25.16 12.74
CA TRP A 426 6.71 26.47 12.85
C TRP A 426 5.71 27.61 12.86
N TYR A 427 4.43 27.33 12.60
CA TYR A 427 3.37 28.30 12.82
C TYR A 427 2.06 27.55 12.95
N GLN A 428 1.11 28.18 13.61
CA GLN A 428 -0.26 27.71 13.76
C GLN A 428 -1.18 28.75 13.13
N LEU A 429 -2.23 28.31 12.47
CA LEU A 429 -3.27 29.25 12.07
C LEU A 429 -4.29 29.37 13.20
N GLU A 430 -4.77 30.59 13.43
CA GLU A 430 -5.81 30.81 14.43
C GLU A 430 -7.10 30.13 14.00
N LYS A 431 -7.88 29.70 14.99
CA LYS A 431 -9.21 29.15 14.72
C LYS A 431 -10.29 30.23 14.63
N GLU A 432 -10.05 31.45 15.09
CA GLU A 432 -11.03 32.53 15.08
C GLU A 432 -10.35 33.82 14.61
N PRO A 433 -11.11 34.74 13.99
CA PRO A 433 -10.52 36.05 13.64
C PRO A 433 -9.99 36.79 14.86
N ILE A 434 -9.01 37.65 14.60
CA ILE A 434 -8.23 38.33 15.64
C ILE A 434 -8.76 39.74 15.82
N VAL A 435 -9.16 40.08 17.05
CA VAL A 435 -9.66 41.42 17.37
C VAL A 435 -8.52 42.42 17.26
N GLY A 436 -8.76 43.53 16.58
CA GLY A 436 -7.78 44.58 16.41
C GLY A 436 -6.86 44.43 15.21
N ALA A 437 -6.49 43.19 14.90
CA ALA A 437 -5.65 42.91 13.74
C ALA A 437 -6.31 43.40 12.45
N GLU A 438 -5.53 44.12 11.63
CA GLU A 438 -6.00 44.60 10.34
C GLU A 438 -6.48 43.44 9.47
N THR A 439 -7.56 43.67 8.72
CA THR A 439 -8.18 42.67 7.87
C THR A 439 -7.82 42.97 6.41
N PHE A 440 -7.03 42.07 5.79
CA PHE A 440 -6.65 42.16 4.39
C PHE A 440 -7.54 41.26 3.54
N TYR A 441 -8.25 41.84 2.58
CA TYR A 441 -8.91 41.12 1.49
C TYR A 441 -7.93 41.06 0.33
N VAL A 442 -7.53 39.86 -0.08
CA VAL A 442 -6.55 39.70 -1.16
C VAL A 442 -7.19 39.04 -2.37
N ASP A 443 -6.62 39.32 -3.53
CA ASP A 443 -7.02 38.62 -4.75
C ASP A 443 -5.92 38.80 -5.78
N GLY A 444 -6.03 38.02 -6.85
CA GLY A 444 -5.14 38.14 -7.98
C GLY A 444 -5.85 37.60 -9.21
N ALA A 445 -5.51 38.18 -10.35
CA ALA A 445 -6.06 37.76 -11.63
C ALA A 445 -4.92 37.59 -12.64
N ALA A 446 -5.09 36.64 -13.56
CA ALA A 446 -4.10 36.43 -14.61
C ALA A 446 -4.78 36.26 -15.95
N ASN A 447 -4.17 36.80 -17.00
CA ASN A 447 -4.66 36.68 -18.37
C ASN A 447 -4.14 35.40 -18.99
N ARG A 448 -5.06 34.50 -19.35
CA ARG A 448 -4.71 33.20 -19.90
C ARG A 448 -3.88 33.32 -21.18
N GLU A 449 -4.16 34.34 -22.01
CA GLU A 449 -3.50 34.49 -23.30
C GLU A 449 -2.18 35.26 -23.23
N THR A 450 -2.12 36.34 -22.44
CA THR A 450 -0.92 37.19 -22.40
C THR A 450 0.03 36.84 -21.26
N LYS A 451 -0.43 36.09 -20.26
CA LYS A 451 0.33 35.67 -19.08
C LYS A 451 0.60 36.81 -18.11
N LEU A 452 0.13 38.03 -18.39
CA LEU A 452 0.25 39.12 -17.43
C LEU A 452 -0.80 38.98 -16.34
N GLY A 453 -0.47 39.49 -15.15
CA GLY A 453 -1.41 39.37 -14.05
C GLY A 453 -1.24 40.50 -13.05
N LYS A 454 -2.15 40.52 -12.10
CA LYS A 454 -2.14 41.50 -11.01
C LYS A 454 -2.46 40.78 -9.72
N ALA A 455 -1.83 41.23 -8.64
CA ALA A 455 -2.14 40.76 -7.30
C ALA A 455 -2.24 41.95 -6.37
N GLY A 456 -3.09 41.84 -5.36
CA GLY A 456 -3.14 42.94 -4.40
C GLY A 456 -4.16 42.71 -3.31
N TYR A 457 -4.35 43.79 -2.53
CA TYR A 457 -5.14 43.75 -1.32
C TYR A 457 -5.84 45.08 -1.09
N VAL A 458 -6.97 45.00 -0.39
CA VAL A 458 -7.65 46.12 0.24
C VAL A 458 -7.78 45.81 1.73
N THR A 459 -7.63 46.82 2.60
CA THR A 459 -7.80 46.56 4.02
C THR A 459 -8.92 47.41 4.61
N ASN A 460 -9.45 46.94 5.74
CA ASN A 460 -10.52 47.65 6.42
C ASN A 460 -10.07 49.02 6.90
N ARG A 461 -8.75 49.28 6.95
CA ARG A 461 -8.22 50.58 7.36
C ARG A 461 -7.95 51.50 6.17
N GLY A 462 -8.35 51.11 4.96
CA GLY A 462 -8.20 51.95 3.80
C GLY A 462 -6.97 51.68 2.94
N ARG A 463 -6.06 50.81 3.36
CA ARG A 463 -4.88 50.59 2.54
C ARG A 463 -5.21 49.76 1.30
N GLN A 464 -4.66 50.16 0.16
CA GLN A 464 -4.77 49.42 -1.09
C GLN A 464 -3.38 49.17 -1.67
N LYS A 465 -3.20 48.02 -2.32
CA LYS A 465 -1.98 47.81 -3.08
C LYS A 465 -2.18 46.81 -4.20
N VAL A 466 -1.74 47.16 -5.41
CA VAL A 466 -1.75 46.27 -6.57
C VAL A 466 -0.36 46.26 -7.17
N VAL A 467 0.14 45.07 -7.48
CA VAL A 467 1.38 44.89 -8.24
C VAL A 467 1.10 44.08 -9.50
N THR A 468 1.75 44.46 -10.58
CA THR A 468 1.66 43.72 -11.83
C THR A 468 2.74 42.64 -11.89
N LEU A 469 2.42 41.54 -12.57
CA LEU A 469 3.30 40.40 -12.71
C LEU A 469 3.33 39.97 -14.16
N THR A 470 4.44 39.38 -14.58
CA THR A 470 4.56 38.82 -15.91
C THR A 470 4.79 37.32 -15.83
N ASP A 471 4.41 36.61 -16.88
CA ASP A 471 4.63 35.17 -17.02
C ASP A 471 4.14 34.42 -15.78
N THR A 472 2.84 34.55 -15.54
CA THR A 472 2.25 34.10 -14.30
C THR A 472 0.97 33.31 -14.61
N THR A 473 0.34 32.82 -13.56
CA THR A 473 -0.91 32.06 -13.67
C THR A 473 -1.84 32.50 -12.54
N ASN A 474 -3.09 32.07 -12.63
CA ASN A 474 -4.06 32.39 -11.58
C ASN A 474 -3.56 31.95 -10.22
N GLN A 475 -3.10 30.71 -10.11
CA GLN A 475 -2.68 30.18 -8.83
C GLN A 475 -1.46 30.94 -8.28
N LYS A 476 -0.50 31.24 -9.16
CA LYS A 476 0.66 32.04 -8.76
C LYS A 476 0.24 33.42 -8.29
N THR A 477 -0.76 34.00 -8.94
CA THR A 477 -1.15 35.35 -8.60
C THR A 477 -1.92 35.40 -7.28
N GLU A 478 -2.65 34.33 -6.95
CA GLU A 478 -3.31 34.26 -5.64
C GLU A 478 -2.29 34.09 -4.50
N LEU A 479 -1.28 33.24 -4.72
CA LEU A 479 -0.18 33.16 -3.76
C LEU A 479 0.58 34.49 -3.63
N GLN A 480 0.79 35.19 -4.76
CA GLN A 480 1.37 36.53 -4.69
C GLN A 480 0.54 37.47 -3.81
N ALA A 481 -0.78 37.43 -3.95
CA ALA A 481 -1.62 38.35 -3.17
C ALA A 481 -1.46 38.10 -1.66
N ILE A 482 -1.51 36.82 -1.27
CA ILE A 482 -1.32 36.47 0.13
C ILE A 482 0.05 36.94 0.63
N TYR A 483 1.08 36.71 -0.20
CA TYR A 483 2.44 37.09 0.21
C TYR A 483 2.54 38.59 0.41
N LEU A 484 1.97 39.35 -0.53
CA LEU A 484 1.92 40.80 -0.43
C LEU A 484 1.33 41.22 0.91
N ALA A 485 0.17 40.64 1.26
CA ALA A 485 -0.48 40.99 2.53
C ALA A 485 0.40 40.63 3.74
N LEU A 486 1.06 39.47 3.71
CA LEU A 486 1.92 39.09 4.83
C LEU A 486 3.08 40.07 4.97
N GLN A 487 3.65 40.52 3.85
CA GLN A 487 4.77 41.46 3.90
C GLN A 487 4.37 42.80 4.50
N ASP A 488 3.17 43.27 4.20
CA ASP A 488 2.76 44.62 4.52
C ASP A 488 2.00 44.75 5.83
N SER A 489 1.67 43.65 6.48
CA SER A 489 0.88 43.68 7.70
C SER A 489 1.77 43.58 8.93
N GLY A 490 1.19 43.95 10.08
CA GLY A 490 1.86 43.81 11.35
C GLY A 490 1.87 42.37 11.82
N LEU A 491 2.34 42.19 13.06
CA LEU A 491 2.53 40.87 13.63
C LEU A 491 1.24 40.06 13.77
N GLU A 492 0.08 40.73 13.79
CA GLU A 492 -1.22 40.06 13.82
C GLU A 492 -2.04 40.53 12.63
N VAL A 493 -2.68 39.61 11.93
CA VAL A 493 -3.37 39.95 10.68
C VAL A 493 -4.46 38.92 10.40
N ASN A 494 -5.57 39.39 9.84
CA ASN A 494 -6.61 38.54 9.29
C ASN A 494 -6.51 38.64 7.78
N ILE A 495 -6.67 37.51 7.07
CA ILE A 495 -6.58 37.49 5.62
C ILE A 495 -7.77 36.73 5.03
N VAL A 496 -8.46 37.36 4.08
CA VAL A 496 -9.60 36.79 3.38
C VAL A 496 -9.20 36.58 1.93
N THR A 497 -9.28 35.34 1.46
CA THR A 497 -8.94 34.96 0.09
C THR A 497 -10.13 34.23 -0.52
N ASP A 498 -10.14 34.17 -1.85
CA ASP A 498 -11.16 33.38 -2.54
C ASP A 498 -10.58 32.14 -3.22
N SER A 499 -9.30 31.86 -3.05
CA SER A 499 -8.66 30.74 -3.74
C SER A 499 -8.57 29.54 -2.80
N GLN A 500 -9.33 28.48 -3.13
CA GLN A 500 -9.18 27.22 -2.42
C GLN A 500 -7.78 26.67 -2.55
N TYR A 501 -7.12 26.91 -3.69
CA TYR A 501 -5.76 26.43 -3.90
C TYR A 501 -4.83 26.93 -2.78
N ALA A 502 -4.76 28.26 -2.60
CA ALA A 502 -3.87 28.84 -1.61
C ALA A 502 -4.30 28.48 -0.18
N LEU A 503 -5.61 28.53 0.09
CA LEU A 503 -6.10 28.09 1.39
C LEU A 503 -5.66 26.68 1.71
N GLY A 504 -5.76 25.78 0.72
CA GLY A 504 -5.40 24.39 0.94
C GLY A 504 -3.93 24.21 1.24
N ILE A 505 -3.06 24.91 0.51
CA ILE A 505 -1.64 24.82 0.81
C ILE A 505 -1.35 25.33 2.23
N ILE A 506 -1.92 26.48 2.58
CA ILE A 506 -1.48 27.14 3.81
C ILE A 506 -2.07 26.46 5.06
N GLN A 507 -3.30 25.95 4.99
CA GLN A 507 -3.86 25.23 6.13
C GLN A 507 -3.10 23.96 6.49
N ALA A 508 -2.38 23.35 5.54
CA ALA A 508 -1.63 22.15 5.87
C ALA A 508 -0.31 22.44 6.57
N GLN A 509 -0.03 23.74 6.83
CA GLN A 509 1.16 24.19 7.54
C GLN A 509 2.48 23.68 6.94
N PRO A 510 2.72 23.91 5.65
CA PRO A 510 3.99 23.46 5.07
C PRO A 510 5.17 24.22 5.67
N ASP A 511 6.28 23.52 5.85
CA ASP A 511 7.53 24.17 6.24
C ASP A 511 8.60 24.08 5.16
N GLN A 512 8.28 23.48 4.02
CA GLN A 512 9.19 23.41 2.88
C GLN A 512 8.34 23.21 1.62
N SER A 513 8.84 23.71 0.50
CA SER A 513 8.05 23.63 -0.72
C SER A 513 8.97 23.60 -1.94
N GLU A 514 8.46 23.03 -3.03
CA GLU A 514 9.19 23.07 -4.31
C GLU A 514 9.13 24.45 -4.95
N SER A 515 8.16 25.27 -4.57
CA SER A 515 7.97 26.61 -5.10
C SER A 515 8.73 27.61 -4.24
N GLU A 516 9.50 28.48 -4.89
CA GLU A 516 10.18 29.53 -4.16
C GLU A 516 9.18 30.49 -3.50
N LEU A 517 8.09 30.80 -4.20
CA LEU A 517 7.10 31.71 -3.67
C LEU A 517 6.46 31.18 -2.38
N VAL A 518 6.08 29.89 -2.38
CA VAL A 518 5.54 29.29 -1.15
C VAL A 518 6.59 29.29 -0.04
N ASN A 519 7.87 29.14 -0.38
CA ASN A 519 8.90 29.26 0.66
C ASN A 519 8.92 30.67 1.25
N GLN A 520 8.75 31.69 0.41
CA GLN A 520 8.73 33.07 0.92
C GLN A 520 7.51 33.30 1.81
N ILE A 521 6.36 32.78 1.38
CA ILE A 521 5.15 32.83 2.20
C ILE A 521 5.40 32.18 3.56
N ILE A 522 6.09 31.03 3.57
CA ILE A 522 6.36 30.31 4.81
C ILE A 522 7.25 31.12 5.74
N GLU A 523 8.29 31.76 5.19
CA GLU A 523 9.16 32.57 6.05
C GLU A 523 8.37 33.70 6.71
N GLN A 524 7.49 34.36 5.94
CA GLN A 524 6.62 35.38 6.51
C GLN A 524 5.69 34.80 7.59
N LEU A 525 5.05 33.66 7.30
CA LEU A 525 4.11 33.08 8.25
C LEU A 525 4.82 32.75 9.57
N ILE A 526 6.08 32.33 9.49
CA ILE A 526 6.79 32.07 10.73
C ILE A 526 7.07 33.36 11.48
N LYS A 527 7.29 34.48 10.76
CA LYS A 527 7.58 35.73 11.48
C LYS A 527 6.37 36.26 12.25
N LYS A 528 5.16 35.91 11.83
CA LYS A 528 3.96 36.46 12.44
C LYS A 528 3.73 35.90 13.85
N GLU A 529 2.94 36.63 14.63
CA GLU A 529 2.49 36.14 15.93
C GLU A 529 1.09 35.54 15.88
N LYS A 530 0.17 36.11 15.11
CA LYS A 530 -1.12 35.48 14.88
C LYS A 530 -1.52 35.71 13.43
N VAL A 531 -2.05 34.66 12.81
CA VAL A 531 -2.53 34.71 11.44
C VAL A 531 -3.86 33.96 11.41
N TYR A 532 -4.87 34.61 10.87
CA TYR A 532 -6.16 33.98 10.67
C TYR A 532 -6.45 34.06 9.18
N LEU A 533 -6.73 32.92 8.56
CA LEU A 533 -6.96 32.87 7.13
C LEU A 533 -8.39 32.46 6.90
N ALA A 534 -9.05 33.14 5.98
CA ALA A 534 -10.46 32.91 5.78
C ALA A 534 -10.71 32.82 4.29
N TRP A 535 -11.78 32.12 3.92
CA TRP A 535 -12.11 31.88 2.53
C TRP A 535 -13.52 32.36 2.26
N VAL A 536 -13.71 33.03 1.13
CA VAL A 536 -15.05 33.39 0.67
C VAL A 536 -15.20 32.92 -0.77
N PRO A 537 -16.43 32.67 -1.21
CA PRO A 537 -16.65 32.33 -2.63
C PRO A 537 -16.36 33.52 -3.51
N ALA A 538 -15.64 33.25 -4.60
CA ALA A 538 -15.29 34.29 -5.57
C ALA A 538 -16.50 34.69 -6.42
N HIS A 539 -16.50 35.96 -6.84
CA HIS A 539 -17.47 36.48 -7.81
C HIS A 539 -18.90 36.47 -7.28
N LYS A 540 -19.07 36.68 -5.97
CA LYS A 540 -20.40 36.69 -5.38
C LYS A 540 -20.78 38.06 -4.83
N GLY A 541 -19.99 39.08 -5.10
CA GLY A 541 -20.22 40.40 -4.50
C GLY A 541 -20.08 40.45 -2.99
N ILE A 542 -19.21 39.64 -2.43
CA ILE A 542 -19.03 39.58 -0.98
C ILE A 542 -18.01 40.62 -0.54
N GLY A 543 -18.35 41.31 0.55
CA GLY A 543 -17.42 42.03 1.39
C GLY A 543 -16.34 42.79 0.66
N GLY A 544 -15.13 42.75 1.20
CA GLY A 544 -14.03 43.41 0.55
C GLY A 544 -13.51 42.67 -0.65
N ASN A 545 -13.82 41.37 -0.75
CA ASN A 545 -13.45 40.57 -1.90
C ASN A 545 -13.85 41.26 -3.21
N GLU A 546 -15.04 41.86 -3.27
CA GLU A 546 -15.48 42.48 -4.51
C GLU A 546 -14.56 43.64 -4.91
N GLN A 547 -14.09 44.44 -3.93
CA GLN A 547 -13.23 45.60 -4.21
C GLN A 547 -11.86 45.18 -4.73
N VAL A 548 -11.20 44.24 -4.06
CA VAL A 548 -9.94 43.72 -4.57
C VAL A 548 -10.15 43.10 -5.95
N ASP A 549 -11.23 42.35 -6.12
CA ASP A 549 -11.49 41.72 -7.41
C ASP A 549 -11.50 42.76 -8.52
N LYS A 550 -12.23 43.86 -8.31
CA LYS A 550 -12.24 44.93 -9.31
C LYS A 550 -10.85 45.53 -9.49
N LEU A 551 -10.11 45.68 -8.39
CA LEU A 551 -8.77 46.28 -8.47
C LEU A 551 -7.80 45.45 -9.31
N VAL A 552 -7.76 44.13 -9.10
CA VAL A 552 -6.75 43.33 -9.81
C VAL A 552 -7.23 42.93 -11.20
N SER A 553 -8.36 43.46 -11.65
CA SER A 553 -8.87 43.17 -13.00
C SER A 553 -8.70 44.43 -13.87
N ALA A 554 -7.60 44.48 -14.59
CA ALA A 554 -7.49 45.21 -15.84
C ALA A 554 -6.93 44.30 -16.93
N GLY A 555 -6.79 43.00 -16.66
CA GLY A 555 -6.40 41.99 -17.61
C GLY A 555 -7.46 40.91 -17.75
N ILE A 556 -8.64 41.16 -17.18
CA ILE A 556 -9.83 40.35 -17.41
C ILE A 556 -10.80 41.23 -18.21
N ARG A 557 -11.28 40.69 -19.34
CA ARG A 557 -12.08 41.46 -20.30
C ARG A 557 -13.45 41.82 -19.75
N GLU B 18 -21.87 -32.52 -8.05
CA GLU B 18 -21.38 -32.08 -9.35
C GLU B 18 -21.07 -30.58 -9.35
N THR B 19 -19.97 -30.19 -9.99
CA THR B 19 -19.55 -28.80 -9.96
C THR B 19 -20.34 -27.95 -10.96
N VAL B 20 -20.27 -26.65 -10.76
CA VAL B 20 -20.95 -25.65 -11.58
C VAL B 20 -19.89 -24.92 -12.41
N PRO B 21 -19.95 -24.98 -13.74
CA PRO B 21 -18.91 -24.31 -14.55
C PRO B 21 -18.95 -22.80 -14.34
N VAL B 22 -17.81 -22.22 -13.98
CA VAL B 22 -17.69 -20.80 -13.76
C VAL B 22 -16.73 -20.21 -14.79
N LYS B 23 -17.18 -19.17 -15.48
CA LYS B 23 -16.36 -18.44 -16.43
C LYS B 23 -15.95 -17.11 -15.83
N LEU B 24 -14.88 -16.54 -16.39
CA LEU B 24 -14.51 -15.17 -16.08
C LEU B 24 -15.23 -14.23 -17.03
N LYS B 25 -15.26 -12.95 -16.67
CA LYS B 25 -15.80 -11.95 -17.57
C LYS B 25 -15.04 -11.99 -18.89
N PRO B 26 -15.71 -11.80 -20.03
CA PRO B 26 -15.01 -11.84 -21.32
C PRO B 26 -13.95 -10.74 -21.42
N GLY B 27 -12.75 -11.15 -21.83
CA GLY B 27 -11.66 -10.22 -22.02
C GLY B 27 -10.83 -9.90 -20.80
N MET B 28 -11.09 -10.55 -19.66
CA MET B 28 -10.38 -10.27 -18.43
C MET B 28 -9.57 -11.48 -17.98
N ASP B 29 -8.41 -11.22 -17.41
CA ASP B 29 -7.57 -12.29 -16.90
C ASP B 29 -7.83 -12.47 -15.40
N GLY B 30 -7.13 -13.41 -14.80
CA GLY B 30 -7.26 -13.65 -13.38
C GLY B 30 -6.53 -12.60 -12.58
N PRO B 31 -6.70 -12.67 -11.26
CA PRO B 31 -6.03 -11.73 -10.38
C PRO B 31 -4.54 -12.02 -10.26
N LYS B 32 -3.73 -10.96 -10.33
CA LYS B 32 -2.29 -11.07 -10.09
C LYS B 32 -1.93 -9.99 -9.07
N VAL B 33 -2.23 -10.26 -7.80
CA VAL B 33 -2.04 -9.28 -6.73
C VAL B 33 -1.00 -9.82 -5.78
N LYS B 34 0.02 -9.02 -5.51
CA LYS B 34 1.11 -9.44 -4.64
C LYS B 34 0.63 -9.58 -3.19
N GLN B 35 1.34 -10.41 -2.44
CA GLN B 35 1.03 -10.63 -1.03
C GLN B 35 1.71 -9.56 -0.18
N TRP B 36 0.96 -8.95 0.76
CA TRP B 36 1.62 -7.96 1.59
C TRP B 36 2.22 -8.61 2.82
N PRO B 37 3.17 -7.95 3.49
CA PRO B 37 3.82 -8.57 4.67
C PRO B 37 2.84 -8.81 5.80
N LEU B 38 3.05 -9.92 6.52
CA LEU B 38 2.24 -10.32 7.66
C LEU B 38 3.08 -10.40 8.93
N THR B 39 2.48 -10.08 10.06
CA THR B 39 3.17 -10.27 11.32
C THR B 39 3.36 -11.76 11.59
N GLU B 40 4.30 -12.07 12.50
CA GLU B 40 4.59 -13.46 12.83
C GLU B 40 3.33 -14.21 13.27
N GLU B 41 2.52 -13.62 14.15
CA GLU B 41 1.38 -14.36 14.67
C GLU B 41 0.32 -14.65 13.60
N LYS B 42 0.13 -13.76 12.64
CA LYS B 42 -0.79 -14.06 11.54
C LYS B 42 -0.22 -15.13 10.62
N ILE B 43 1.10 -15.15 10.43
CA ILE B 43 1.71 -16.19 9.63
C ILE B 43 1.53 -17.55 10.30
N LYS B 44 1.83 -17.61 11.60
CA LYS B 44 1.64 -18.83 12.37
C LYS B 44 0.20 -19.32 12.29
N ALA B 45 -0.75 -18.40 12.42
CA ALA B 45 -2.16 -18.79 12.35
C ALA B 45 -2.50 -19.32 10.96
N LEU B 46 -2.04 -18.63 9.91
CA LEU B 46 -2.34 -19.07 8.55
C LEU B 46 -1.74 -20.43 8.26
N VAL B 47 -0.56 -20.71 8.82
CA VAL B 47 0.09 -21.99 8.56
C VAL B 47 -0.65 -23.12 9.27
N GLU B 48 -1.12 -22.85 10.49
CA GLU B 48 -2.00 -23.80 11.19
C GLU B 48 -3.26 -24.07 10.37
N ILE B 49 -3.97 -22.99 10.01
CA ILE B 49 -5.23 -23.10 9.28
C ILE B 49 -5.04 -23.85 7.97
N CYS B 50 -3.96 -23.56 7.24
CA CYS B 50 -3.75 -24.18 5.94
C CYS B 50 -3.33 -25.63 6.05
N THR B 51 -2.56 -26.00 7.07
CA THR B 51 -2.28 -27.42 7.27
C THR B 51 -3.59 -28.18 7.48
N GLU B 52 -4.48 -27.62 8.29
CA GLU B 52 -5.77 -28.27 8.48
C GLU B 52 -6.58 -28.32 7.18
N MET B 53 -6.54 -27.25 6.38
CA MET B 53 -7.37 -27.20 5.18
C MET B 53 -6.84 -28.15 4.11
N GLU B 54 -5.51 -28.22 3.98
CA GLU B 54 -4.92 -29.13 3.03
C GLU B 54 -5.24 -30.56 3.41
N LYS B 55 -5.10 -30.89 4.71
CA LYS B 55 -5.42 -32.24 5.16
C LYS B 55 -6.86 -32.61 4.82
N GLU B 56 -7.79 -31.66 4.98
CA GLU B 56 -9.20 -31.88 4.69
C GLU B 56 -9.53 -31.79 3.19
N GLY B 57 -8.54 -31.54 2.33
CA GLY B 57 -8.82 -31.45 0.92
C GLY B 57 -9.42 -30.15 0.46
N LYS B 58 -9.56 -29.18 1.35
CA LYS B 58 -10.18 -27.92 0.94
C LYS B 58 -9.25 -27.11 0.06
N ILE B 59 -7.94 -27.24 0.24
CA ILE B 59 -6.96 -26.54 -0.58
C ILE B 59 -5.82 -27.51 -0.96
N SER B 60 -5.12 -27.18 -2.05
CA SER B 60 -3.98 -27.96 -2.48
C SER B 60 -2.78 -27.07 -2.80
N LYS B 61 -1.58 -27.60 -2.53
CA LYS B 61 -0.36 -26.90 -2.90
C LYS B 61 -0.24 -26.83 -4.42
N ILE B 62 0.18 -25.67 -4.91
CA ILE B 62 0.46 -25.43 -6.30
C ILE B 62 1.85 -24.84 -6.39
N GLY B 63 2.32 -24.63 -7.62
CA GLY B 63 3.62 -24.07 -7.83
C GLY B 63 3.55 -22.80 -8.64
N PRO B 64 4.71 -22.34 -9.12
CA PRO B 64 4.79 -21.03 -9.76
C PRO B 64 4.29 -21.00 -11.21
N GLU B 65 3.86 -22.14 -11.77
CA GLU B 65 3.32 -22.12 -13.13
C GLU B 65 1.84 -21.76 -13.16
N ASN B 66 1.18 -21.73 -12.01
CA ASN B 66 -0.05 -20.98 -11.85
C ASN B 66 0.33 -19.51 -11.71
N PRO B 67 -0.07 -18.65 -12.64
CA PRO B 67 0.39 -17.25 -12.64
C PRO B 67 -0.48 -16.29 -11.83
N TYR B 68 -1.46 -16.79 -11.09
CA TYR B 68 -2.42 -15.95 -10.40
C TYR B 68 -2.09 -15.85 -8.92
N ASN B 69 -2.48 -14.74 -8.31
CA ASN B 69 -2.30 -14.59 -6.87
C ASN B 69 -3.28 -13.56 -6.32
N THR B 70 -3.77 -13.85 -5.12
CA THR B 70 -4.67 -13.05 -4.31
C THR B 70 -4.09 -12.98 -2.91
N PRO B 71 -4.13 -11.81 -2.26
CA PRO B 71 -3.50 -11.70 -0.94
C PRO B 71 -4.37 -12.37 0.12
N VAL B 72 -3.70 -12.88 1.16
CA VAL B 72 -4.34 -13.54 2.28
C VAL B 72 -3.88 -12.87 3.57
N PHE B 73 -4.72 -12.91 4.60
CA PHE B 73 -4.29 -12.50 5.94
C PHE B 73 -5.21 -13.15 6.95
N ALA B 74 -5.13 -12.73 8.22
CA ALA B 74 -5.91 -13.39 9.26
C ALA B 74 -6.43 -12.37 10.26
N ILE B 75 -7.64 -12.61 10.77
CA ILE B 75 -8.25 -11.75 11.78
C ILE B 75 -8.68 -12.59 12.97
N LYS B 76 -8.75 -11.99 14.14
CA LYS B 76 -9.16 -12.69 15.34
C LYS B 76 -10.57 -12.26 15.74
N LYS B 77 -11.42 -13.23 16.05
CA LYS B 77 -12.76 -12.93 16.55
C LYS B 77 -12.69 -12.27 17.92
N LYS B 78 -13.60 -11.31 18.16
CA LYS B 78 -13.54 -10.51 19.37
C LYS B 78 -13.81 -11.36 20.62
N ASP B 79 -12.97 -11.16 21.63
CA ASP B 79 -12.96 -11.96 22.88
C ASP B 79 -12.69 -13.43 22.61
N SER B 80 -12.12 -13.78 21.45
CA SER B 80 -11.80 -15.14 21.08
C SER B 80 -10.29 -15.30 20.94
N THR B 81 -9.84 -16.55 21.01
CA THR B 81 -8.49 -16.90 20.60
C THR B 81 -8.45 -17.61 19.27
N LYS B 82 -9.55 -17.58 18.51
CA LYS B 82 -9.65 -18.33 17.26
C LYS B 82 -9.38 -17.40 16.09
N TRP B 83 -8.30 -17.66 15.36
CA TRP B 83 -7.99 -16.93 14.15
C TRP B 83 -8.84 -17.40 12.98
N ARG B 84 -9.04 -16.50 12.04
CA ARG B 84 -9.88 -16.72 10.89
C ARG B 84 -9.05 -16.31 9.69
N LYS B 85 -9.01 -17.17 8.68
CA LYS B 85 -8.34 -16.86 7.43
C LYS B 85 -9.24 -15.98 6.58
N LEU B 86 -8.68 -14.89 6.06
CA LEU B 86 -9.40 -13.92 5.25
C LEU B 86 -8.66 -13.70 3.92
N VAL B 87 -9.31 -14.01 2.82
CA VAL B 87 -8.74 -13.85 1.49
C VAL B 87 -9.35 -12.61 0.85
N ASP B 88 -8.49 -11.71 0.37
CA ASP B 88 -8.94 -10.48 -0.30
C ASP B 88 -9.25 -10.80 -1.76
N PHE B 89 -10.47 -11.28 -1.98
CA PHE B 89 -10.91 -11.66 -3.32
C PHE B 89 -11.50 -10.49 -4.10
N ARG B 90 -11.12 -9.26 -3.79
CA ARG B 90 -11.78 -8.12 -4.45
C ARG B 90 -11.52 -8.12 -5.95
N GLU B 91 -10.27 -8.39 -6.37
CA GLU B 91 -9.97 -8.47 -7.80
C GLU B 91 -10.71 -9.62 -8.46
N LEU B 92 -10.61 -10.83 -7.87
CA LEU B 92 -11.32 -11.99 -8.42
C LEU B 92 -12.82 -11.71 -8.51
N ASN B 93 -13.37 -11.00 -7.53
CA ASN B 93 -14.78 -10.65 -7.57
C ASN B 93 -15.07 -9.69 -8.72
N LYS B 94 -14.23 -8.68 -8.92
CA LYS B 94 -14.40 -7.80 -10.08
C LYS B 94 -14.35 -8.58 -11.40
N ARG B 95 -13.55 -9.63 -11.45
CA ARG B 95 -13.32 -10.31 -12.72
C ARG B 95 -14.29 -11.45 -12.99
N THR B 96 -15.18 -11.75 -12.05
CA THR B 96 -16.26 -12.71 -12.26
C THR B 96 -17.64 -12.05 -12.20
N GLN B 97 -17.70 -10.71 -12.26
CA GLN B 97 -18.89 -9.93 -11.91
C GLN B 97 -20.10 -10.20 -12.80
N ASP B 98 -19.90 -10.72 -14.01
CA ASP B 98 -21.06 -11.15 -14.81
C ASP B 98 -21.67 -12.41 -14.22
N PHE B 99 -20.84 -13.30 -13.67
CA PHE B 99 -21.31 -14.60 -13.19
C PHE B 99 -22.18 -14.46 -11.94
N TRP B 100 -21.68 -13.77 -10.91
CA TRP B 100 -22.36 -13.67 -9.62
C TRP B 100 -23.46 -12.62 -9.60
N GLU B 101 -23.33 -11.54 -10.39
CA GLU B 101 -24.34 -10.48 -10.37
C GLU B 101 -25.53 -10.79 -11.27
N VAL B 102 -25.28 -11.34 -12.45
CA VAL B 102 -26.34 -11.57 -13.45
C VAL B 102 -26.79 -13.03 -13.45
N GLN B 103 -25.87 -13.95 -13.76
CA GLN B 103 -26.26 -15.32 -14.09
C GLN B 103 -26.93 -16.02 -12.91
N LEU B 104 -26.39 -15.84 -11.70
CA LEU B 104 -26.89 -16.54 -10.51
C LEU B 104 -27.05 -15.57 -9.34
N GLY B 105 -27.71 -14.42 -9.57
CA GLY B 105 -27.85 -13.40 -8.56
C GLY B 105 -28.95 -13.69 -7.55
N ILE B 106 -28.87 -12.97 -6.43
CA ILE B 106 -29.85 -13.06 -5.34
C ILE B 106 -30.55 -11.72 -5.22
N PRO B 107 -31.88 -11.66 -5.22
CA PRO B 107 -32.57 -10.36 -5.10
C PRO B 107 -32.48 -9.79 -3.69
N HIS B 108 -32.68 -8.47 -3.59
CA HIS B 108 -32.54 -7.75 -2.33
C HIS B 108 -33.87 -7.16 -1.86
N PRO B 109 -34.30 -7.48 -0.62
CA PRO B 109 -35.63 -7.04 -0.14
C PRO B 109 -35.65 -5.67 0.54
N ALA B 110 -36.59 -4.82 0.09
CA ALA B 110 -36.65 -3.45 0.61
C ALA B 110 -37.20 -3.39 2.02
N GLY B 111 -37.80 -4.47 2.51
CA GLY B 111 -38.33 -4.49 3.86
C GLY B 111 -37.30 -4.80 4.93
N LEU B 112 -36.16 -5.37 4.54
CA LEU B 112 -35.14 -5.74 5.50
C LEU B 112 -34.69 -4.54 6.34
N LYS B 113 -34.47 -3.39 5.69
CA LYS B 113 -34.04 -2.21 6.42
C LYS B 113 -35.11 -1.65 7.34
N LYS B 114 -36.36 -2.09 7.22
CA LYS B 114 -37.46 -1.53 7.99
C LYS B 114 -37.76 -2.33 9.26
N LYS B 115 -36.96 -3.35 9.56
CA LYS B 115 -37.28 -4.23 10.68
C LYS B 115 -36.72 -3.69 11.99
N LYS B 116 -37.38 -4.08 13.08
CA LYS B 116 -36.92 -3.70 14.42
C LYS B 116 -35.52 -4.21 14.69
N SER B 117 -35.27 -5.49 14.39
CA SER B 117 -33.98 -6.11 14.66
C SER B 117 -33.51 -6.92 13.48
N VAL B 118 -32.21 -6.80 13.16
CA VAL B 118 -31.56 -7.62 12.14
C VAL B 118 -30.33 -8.23 12.77
N THR B 119 -30.27 -9.56 12.79
CA THR B 119 -29.10 -10.32 13.27
C THR B 119 -28.29 -10.83 12.08
N VAL B 120 -26.96 -10.76 12.20
CA VAL B 120 -26.05 -11.23 11.15
C VAL B 120 -25.45 -12.56 11.60
N LEU B 121 -25.61 -13.59 10.76
CA LEU B 121 -25.14 -14.95 11.05
C LEU B 121 -24.08 -15.35 10.04
N ASP B 122 -22.92 -15.77 10.53
CA ASP B 122 -21.85 -16.30 9.67
C ASP B 122 -22.26 -17.69 9.22
N VAL B 123 -22.53 -17.85 7.93
CA VAL B 123 -22.89 -19.13 7.36
C VAL B 123 -21.80 -19.64 6.41
N GLY B 124 -20.59 -19.08 6.49
CA GLY B 124 -19.57 -19.36 5.48
C GLY B 124 -19.13 -20.80 5.41
N ASP B 125 -19.09 -21.50 6.56
CA ASP B 125 -18.62 -22.89 6.59
C ASP B 125 -19.33 -23.75 5.55
N ALA B 126 -20.62 -23.50 5.34
CA ALA B 126 -21.39 -24.28 4.36
C ALA B 126 -20.65 -24.44 3.04
N TYR B 127 -20.03 -23.37 2.55
CA TYR B 127 -19.42 -23.40 1.22
C TYR B 127 -18.34 -24.47 1.12
N PHE B 128 -17.64 -24.77 2.22
CA PHE B 128 -16.55 -25.74 2.15
C PHE B 128 -17.03 -27.15 1.85
N SER B 129 -18.34 -27.40 1.89
CA SER B 129 -18.86 -28.71 1.55
C SER B 129 -19.13 -28.89 0.07
N VAL B 130 -18.98 -27.84 -0.73
CA VAL B 130 -19.37 -27.85 -2.14
C VAL B 130 -18.10 -27.76 -2.98
N PRO B 131 -17.90 -28.65 -3.96
CA PRO B 131 -16.67 -28.61 -4.75
C PRO B 131 -16.69 -27.46 -5.74
N LEU B 132 -15.51 -26.92 -6.00
CA LEU B 132 -15.32 -25.84 -6.95
C LEU B 132 -14.91 -26.40 -8.32
N ASP B 133 -15.44 -25.78 -9.37
CA ASP B 133 -15.12 -26.18 -10.74
C ASP B 133 -13.61 -26.22 -10.98
N GLU B 134 -13.14 -27.32 -11.59
CA GLU B 134 -11.71 -27.56 -11.67
C GLU B 134 -11.01 -26.54 -12.55
N ASP B 135 -11.62 -26.15 -13.68
CA ASP B 135 -10.99 -25.16 -14.54
C ASP B 135 -10.81 -23.81 -13.84
N PHE B 136 -11.62 -23.53 -12.81
CA PHE B 136 -11.62 -22.24 -12.17
C PHE B 136 -10.68 -22.16 -10.96
N ARG B 137 -10.21 -23.31 -10.46
CA ARG B 137 -9.45 -23.31 -9.20
C ARG B 137 -8.15 -22.52 -9.30
N LYS B 138 -7.54 -22.48 -10.48
CA LYS B 138 -6.28 -21.77 -10.62
C LYS B 138 -6.43 -20.30 -10.20
N TYR B 139 -7.58 -19.69 -10.49
CA TYR B 139 -7.78 -18.27 -10.20
C TYR B 139 -7.83 -17.97 -8.70
N THR B 140 -8.03 -18.98 -7.86
CA THR B 140 -8.12 -18.79 -6.42
C THR B 140 -6.78 -18.93 -5.72
N ALA B 141 -5.67 -18.98 -6.48
CA ALA B 141 -4.33 -19.11 -5.92
C ALA B 141 -4.03 -18.03 -4.88
N PHE B 142 -3.35 -18.43 -3.80
CA PHE B 142 -2.82 -17.51 -2.80
C PHE B 142 -1.47 -18.03 -2.31
N THR B 143 -0.72 -17.14 -1.63
CA THR B 143 0.67 -17.40 -1.24
C THR B 143 0.89 -17.02 0.22
N ILE B 144 1.33 -17.97 1.05
CA ILE B 144 1.75 -17.74 2.43
C ILE B 144 3.21 -17.31 2.46
N PRO B 145 3.52 -16.17 3.05
CA PRO B 145 4.90 -15.68 3.09
C PRO B 145 5.64 -16.18 4.32
N SER B 146 6.88 -15.75 4.53
CA SER B 146 7.64 -16.22 5.69
C SER B 146 8.44 -15.07 6.28
N ILE B 147 8.58 -15.10 7.60
CA ILE B 147 9.38 -14.09 8.27
C ILE B 147 10.76 -14.05 7.66
N ASN B 148 11.24 -12.84 7.36
CA ASN B 148 12.59 -12.59 6.88
C ASN B 148 12.95 -13.39 5.65
N ASN B 149 11.95 -13.83 4.87
CA ASN B 149 12.18 -14.54 3.63
C ASN B 149 13.14 -15.71 3.85
N GLU B 150 12.89 -16.47 4.92
CA GLU B 150 13.61 -17.71 5.17
C GLU B 150 13.40 -18.72 4.05
N THR B 151 12.27 -18.62 3.37
CA THR B 151 11.74 -19.59 2.44
C THR B 151 11.00 -18.83 1.35
N PRO B 152 11.01 -19.30 0.11
CA PRO B 152 10.08 -18.73 -0.87
C PRO B 152 8.65 -18.91 -0.39
N GLY B 153 7.72 -18.21 -1.03
CA GLY B 153 6.33 -18.30 -0.60
C GLY B 153 5.77 -19.66 -0.92
N ILE B 154 4.88 -20.18 -0.03
CA ILE B 154 4.21 -21.46 -0.27
C ILE B 154 2.80 -21.19 -0.80
N ARG B 155 2.48 -21.82 -1.93
CA ARG B 155 1.29 -21.47 -2.71
C ARG B 155 0.21 -22.55 -2.59
N TYR B 156 -1.04 -22.10 -2.57
CA TYR B 156 -2.20 -22.99 -2.55
C TYR B 156 -3.28 -22.47 -3.47
N GLN B 157 -4.23 -23.34 -3.76
CA GLN B 157 -5.46 -22.94 -4.42
C GLN B 157 -6.61 -23.73 -3.78
N TYR B 158 -7.82 -23.19 -3.91
CA TYR B 158 -9.01 -23.81 -3.35
C TYR B 158 -9.50 -24.98 -4.21
N ASN B 159 -10.04 -26.00 -3.54
CA ASN B 159 -10.77 -27.09 -4.21
C ASN B 159 -12.26 -27.02 -3.96
N VAL B 160 -12.70 -26.07 -3.15
CA VAL B 160 -14.09 -25.90 -2.75
C VAL B 160 -14.41 -24.42 -2.87
N LEU B 161 -15.70 -24.10 -2.83
CA LEU B 161 -16.11 -22.69 -2.84
C LEU B 161 -15.36 -21.94 -1.74
N PRO B 162 -14.58 -20.91 -2.07
CA PRO B 162 -13.91 -20.13 -1.02
C PRO B 162 -14.85 -19.13 -0.36
N GLN B 163 -14.70 -18.99 0.96
CA GLN B 163 -15.29 -17.86 1.65
C GLN B 163 -14.71 -16.57 1.11
N GLY B 164 -15.58 -15.58 0.88
CA GLY B 164 -15.15 -14.30 0.35
C GLY B 164 -15.22 -14.15 -1.16
N TRP B 165 -15.62 -15.18 -1.89
CA TRP B 165 -15.77 -15.11 -3.34
C TRP B 165 -17.24 -14.86 -3.66
N LYS B 166 -17.49 -13.90 -4.55
CA LYS B 166 -18.88 -13.61 -4.93
C LYS B 166 -19.56 -14.83 -5.51
N GLY B 167 -18.79 -15.76 -6.08
CA GLY B 167 -19.39 -16.93 -6.68
C GLY B 167 -19.94 -17.92 -5.68
N SER B 168 -19.48 -17.87 -4.42
CA SER B 168 -19.85 -18.92 -3.47
C SER B 168 -21.31 -18.85 -3.07
N PRO B 169 -21.85 -17.73 -2.58
CA PRO B 169 -23.29 -17.67 -2.33
C PRO B 169 -24.12 -17.82 -3.59
N ALA B 170 -23.62 -17.36 -4.75
CA ALA B 170 -24.33 -17.56 -6.01
C ALA B 170 -24.53 -19.04 -6.30
N ILE B 171 -23.45 -19.83 -6.26
CA ILE B 171 -23.54 -21.27 -6.52
C ILE B 171 -24.33 -21.97 -5.44
N PHE B 172 -24.10 -21.60 -4.18
CA PHE B 172 -24.77 -22.26 -3.07
C PHE B 172 -26.22 -21.81 -2.88
N GLN B 173 -26.72 -20.95 -3.76
CA GLN B 173 -28.05 -20.36 -3.61
C GLN B 173 -29.14 -21.42 -3.51
N SER B 174 -29.10 -22.43 -4.38
CA SER B 174 -30.20 -23.40 -4.42
C SER B 174 -30.25 -24.23 -3.15
N SER B 175 -29.09 -24.67 -2.66
CA SER B 175 -29.05 -25.41 -1.40
C SER B 175 -29.54 -24.55 -0.23
N MET B 176 -29.11 -23.28 -0.20
CA MET B 176 -29.54 -22.39 0.88
C MET B 176 -31.06 -22.20 0.85
N THR B 177 -31.64 -22.09 -0.35
CA THR B 177 -33.08 -21.92 -0.45
C THR B 177 -33.82 -23.16 0.03
N LYS B 178 -33.34 -24.37 -0.37
CA LYS B 178 -33.94 -25.59 0.15
C LYS B 178 -33.84 -25.65 1.67
N ILE B 179 -32.70 -25.23 2.22
CA ILE B 179 -32.51 -25.29 3.67
C ILE B 179 -33.44 -24.31 4.38
N LEU B 180 -33.72 -23.16 3.77
CA LEU B 180 -34.53 -22.16 4.46
C LEU B 180 -36.02 -22.27 4.15
N GLU B 181 -36.42 -23.05 3.14
CA GLU B 181 -37.84 -23.17 2.81
C GLU B 181 -38.72 -23.52 4.01
N PRO B 182 -38.37 -24.52 4.84
CA PRO B 182 -39.26 -24.81 6.00
C PRO B 182 -39.33 -23.68 6.99
N PHE B 183 -38.18 -23.11 7.35
CA PHE B 183 -38.16 -22.02 8.33
C PHE B 183 -38.93 -20.81 7.82
N ARG B 184 -38.71 -20.43 6.56
CA ARG B 184 -39.45 -19.31 5.98
C ARG B 184 -40.95 -19.60 5.97
N LYS B 185 -41.34 -20.79 5.51
CA LYS B 185 -42.75 -21.17 5.52
C LYS B 185 -43.36 -20.97 6.90
N GLN B 186 -42.70 -21.51 7.93
CA GLN B 186 -43.27 -21.42 9.28
C GLN B 186 -43.25 -19.99 9.82
N ASN B 187 -42.20 -19.21 9.51
CA ASN B 187 -42.02 -17.85 10.04
C ASN B 187 -42.10 -16.81 8.93
N PRO B 188 -43.27 -16.60 8.32
CA PRO B 188 -43.32 -15.88 7.03
C PRO B 188 -43.10 -14.38 7.11
N ASP B 189 -43.02 -13.80 8.30
CA ASP B 189 -42.77 -12.37 8.42
C ASP B 189 -41.32 -12.04 8.70
N ILE B 190 -40.49 -13.05 8.95
CA ILE B 190 -39.06 -12.85 9.05
C ILE B 190 -38.48 -12.85 7.64
N VAL B 191 -37.64 -11.86 7.34
CA VAL B 191 -36.97 -11.78 6.05
C VAL B 191 -35.53 -12.23 6.24
N ILE B 192 -35.07 -13.07 5.32
CA ILE B 192 -33.70 -13.59 5.36
C ILE B 192 -33.02 -13.18 4.06
N TYR B 193 -31.91 -12.46 4.18
CA TYR B 193 -31.15 -11.97 3.04
C TYR B 193 -29.71 -12.46 3.14
N GLN B 194 -29.23 -13.10 2.08
CA GLN B 194 -27.87 -13.61 2.07
C GLN B 194 -26.96 -12.60 1.37
N TYR B 195 -25.86 -12.25 2.04
CA TYR B 195 -24.82 -11.47 1.38
C TYR B 195 -23.47 -12.06 1.74
N MET B 196 -22.94 -12.83 0.79
CA MET B 196 -21.57 -13.26 0.59
C MET B 196 -20.99 -14.24 1.60
N ASP B 197 -21.33 -14.12 2.86
CA ASP B 197 -20.81 -15.06 3.85
C ASP B 197 -21.82 -15.11 4.97
N ASP B 198 -22.81 -14.22 4.90
CA ASP B 198 -23.66 -13.96 6.05
C ASP B 198 -25.13 -14.04 5.66
N LEU B 199 -25.94 -14.43 6.63
CA LEU B 199 -27.38 -14.26 6.57
C LEU B 199 -27.75 -13.07 7.44
N TYR B 200 -28.61 -12.21 6.90
CA TYR B 200 -29.20 -11.09 7.61
C TYR B 200 -30.64 -11.49 7.90
N VAL B 201 -30.98 -11.61 9.18
CA VAL B 201 -32.25 -12.17 9.61
C VAL B 201 -32.99 -11.08 10.38
N GLY B 202 -34.05 -10.55 9.79
CA GLY B 202 -34.74 -9.40 10.33
C GLY B 202 -36.19 -9.70 10.65
N SER B 203 -36.67 -9.12 11.76
CA SER B 203 -38.05 -9.31 12.20
C SER B 203 -38.48 -8.07 12.98
N ASP B 204 -39.78 -7.97 13.21
CA ASP B 204 -40.36 -6.90 14.03
C ASP B 204 -40.76 -7.41 15.40
N LEU B 205 -40.18 -8.53 15.84
CA LEU B 205 -40.48 -9.07 17.16
C LEU B 205 -39.84 -8.22 18.24
N GLU B 206 -40.28 -8.48 19.48
CA GLU B 206 -39.57 -7.98 20.64
C GLU B 206 -38.26 -8.73 20.84
N ILE B 207 -37.26 -8.03 21.41
CA ILE B 207 -35.89 -8.54 21.38
C ILE B 207 -35.80 -9.91 22.03
N GLY B 208 -36.61 -10.17 23.05
CA GLY B 208 -36.57 -11.49 23.68
C GLY B 208 -37.01 -12.59 22.72
N GLN B 209 -38.14 -12.38 22.05
CA GLN B 209 -38.66 -13.38 21.14
C GLN B 209 -37.89 -13.40 19.82
N HIS B 210 -37.37 -12.25 19.39
CA HIS B 210 -36.48 -12.23 18.22
C HIS B 210 -35.27 -13.13 18.43
N ARG B 211 -34.60 -12.99 19.57
CA ARG B 211 -33.40 -13.77 19.81
C ARG B 211 -33.68 -15.27 19.81
N THR B 212 -34.78 -15.70 20.43
CA THR B 212 -35.13 -17.12 20.41
C THR B 212 -35.39 -17.60 18.98
N LYS B 213 -35.99 -16.75 18.15
CA LYS B 213 -36.20 -17.13 16.76
C LYS B 213 -34.89 -17.25 16.01
N ILE B 214 -33.89 -16.46 16.38
CA ILE B 214 -32.56 -16.62 15.81
C ILE B 214 -31.92 -17.92 16.32
N GLU B 215 -31.90 -18.11 17.64
CA GLU B 215 -31.43 -19.38 18.19
C GLU B 215 -32.58 -20.38 18.14
N GLU B 216 -33.23 -20.41 17.01
CA GLU B 216 -34.07 -21.43 16.41
C GLU B 216 -33.62 -21.69 14.99
N LEU B 217 -33.24 -20.64 14.27
CA LEU B 217 -32.67 -20.76 12.94
C LEU B 217 -31.30 -21.42 12.97
N ARG B 218 -30.54 -21.24 14.05
CA ARG B 218 -29.25 -21.90 14.17
C ARG B 218 -29.43 -23.41 14.27
N GLN B 219 -30.36 -23.85 15.13
CA GLN B 219 -30.67 -25.27 15.24
C GLN B 219 -31.07 -25.85 13.89
N HIS B 220 -31.94 -25.15 13.17
CA HIS B 220 -32.27 -25.52 11.80
C HIS B 220 -31.02 -25.67 10.94
N LEU B 221 -30.17 -24.65 10.93
CA LEU B 221 -28.94 -24.63 10.15
C LEU B 221 -27.90 -25.63 10.64
N LEU B 222 -28.21 -26.41 11.67
CA LEU B 222 -27.38 -27.55 12.03
C LEU B 222 -27.76 -28.83 11.28
N ARG B 223 -28.26 -28.69 10.04
CA ARG B 223 -28.31 -29.77 9.07
C ARG B 223 -26.90 -30.29 8.80
N MET B 242 -22.21 -17.25 16.95
CA MET B 242 -22.17 -15.81 17.23
C MET B 242 -23.35 -15.08 16.56
N GLY B 243 -23.27 -13.75 16.51
CA GLY B 243 -24.27 -12.93 15.86
C GLY B 243 -24.20 -11.46 16.24
N TYR B 244 -24.51 -10.56 15.31
CA TYR B 244 -24.39 -9.11 15.52
C TYR B 244 -25.74 -8.43 15.33
N GLU B 245 -26.16 -7.67 16.34
CA GLU B 245 -27.52 -7.17 16.44
C GLU B 245 -27.62 -5.74 15.93
N LEU B 246 -28.63 -5.49 15.09
CA LEU B 246 -28.77 -4.27 14.30
C LEU B 246 -30.21 -3.80 14.38
N HIS B 247 -30.42 -2.49 14.41
CA HIS B 247 -31.77 -1.92 14.47
C HIS B 247 -31.90 -0.88 13.37
N PRO B 248 -32.20 -1.31 12.15
CA PRO B 248 -32.24 -0.35 11.02
C PRO B 248 -33.47 0.54 11.01
N ASP B 249 -34.56 0.19 11.68
CA ASP B 249 -35.70 1.11 11.74
C ASP B 249 -35.36 2.40 12.46
N LYS B 250 -34.22 2.47 13.16
CA LYS B 250 -33.77 3.66 13.87
C LYS B 250 -32.65 4.40 13.17
N TRP B 251 -32.32 4.02 11.92
CA TRP B 251 -31.27 4.69 11.14
C TRP B 251 -31.88 5.90 10.43
N THR B 252 -31.66 7.08 10.98
CA THR B 252 -32.16 8.29 10.34
C THR B 252 -31.01 9.03 9.64
N VAL B 253 -31.38 10.07 8.91
CA VAL B 253 -30.45 10.83 8.10
C VAL B 253 -29.95 12.03 8.88
N GLN B 254 -28.71 12.45 8.61
CA GLN B 254 -28.07 13.60 9.25
C GLN B 254 -28.31 14.87 8.42
N PRO B 255 -29.25 15.72 8.83
CA PRO B 255 -29.57 16.93 8.04
C PRO B 255 -28.41 17.92 8.04
N ILE B 256 -28.33 18.70 6.96
CA ILE B 256 -27.47 19.87 6.96
C ILE B 256 -28.14 20.94 7.82
N VAL B 257 -27.34 21.62 8.64
CA VAL B 257 -27.88 22.51 9.65
C VAL B 257 -27.05 23.79 9.70
N LEU B 258 -27.70 24.91 10.04
CA LEU B 258 -27.03 26.20 10.02
C LEU B 258 -26.87 26.77 11.44
N PRO B 259 -25.80 27.50 11.70
CA PRO B 259 -25.56 28.00 13.05
C PRO B 259 -26.66 28.93 13.57
N GLU B 260 -26.98 28.77 14.85
CA GLU B 260 -27.89 29.66 15.56
C GLU B 260 -27.07 30.52 16.52
N LYS B 261 -27.13 31.84 16.34
CA LYS B 261 -26.43 32.74 17.24
C LYS B 261 -27.14 34.09 17.26
N ASP B 262 -27.08 34.75 18.42
CA ASP B 262 -27.76 36.04 18.61
C ASP B 262 -26.84 37.22 18.36
N SER B 263 -25.58 36.98 17.99
CA SER B 263 -24.64 38.03 17.66
C SER B 263 -23.80 37.51 16.49
N TRP B 264 -23.80 38.23 15.36
CA TRP B 264 -23.13 37.79 14.14
C TRP B 264 -22.02 38.76 13.76
N THR B 265 -20.82 38.24 13.54
CA THR B 265 -19.72 39.04 13.04
C THR B 265 -19.66 38.96 11.52
N VAL B 266 -18.88 39.89 10.93
CA VAL B 266 -18.59 39.82 9.50
C VAL B 266 -18.03 38.46 9.14
N ASN B 267 -17.17 37.91 10.00
CA ASN B 267 -16.62 36.58 9.77
C ASN B 267 -17.73 35.53 9.76
N ASP B 268 -18.60 35.55 10.77
CA ASP B 268 -19.73 34.62 10.85
C ASP B 268 -20.56 34.64 9.57
N ILE B 269 -20.85 35.83 9.07
CA ILE B 269 -21.73 35.91 7.91
C ILE B 269 -21.00 35.50 6.65
N GLN B 270 -19.69 35.75 6.58
CA GLN B 270 -18.91 35.27 5.44
C GLN B 270 -18.91 33.75 5.39
N LYS B 271 -18.73 33.12 6.56
CA LYS B 271 -18.78 31.67 6.67
C LYS B 271 -20.15 31.14 6.26
N LEU B 272 -21.21 31.78 6.77
CA LEU B 272 -22.56 31.36 6.47
C LEU B 272 -22.85 31.43 4.97
N VAL B 273 -22.47 32.55 4.34
CA VAL B 273 -22.74 32.71 2.92
C VAL B 273 -21.96 31.70 2.11
N GLY B 274 -20.70 31.44 2.46
CA GLY B 274 -19.94 30.41 1.77
C GLY B 274 -20.59 29.05 1.85
N LYS B 275 -21.07 28.68 3.04
CA LYS B 275 -21.70 27.38 3.23
C LYS B 275 -23.04 27.28 2.50
N LEU B 276 -23.89 28.31 2.58
CA LEU B 276 -25.14 28.31 1.83
C LEU B 276 -24.88 28.27 0.33
N ASN B 277 -23.81 28.93 -0.12
CA ASN B 277 -23.48 28.92 -1.54
C ASN B 277 -23.16 27.51 -1.99
N TRP B 278 -22.32 26.79 -1.22
CA TRP B 278 -22.07 25.38 -1.52
C TRP B 278 -23.36 24.58 -1.49
N ALA B 279 -24.17 24.77 -0.44
CA ALA B 279 -25.40 23.99 -0.29
C ALA B 279 -26.38 24.19 -1.44
N SER B 280 -26.37 25.36 -2.10
CA SER B 280 -27.34 25.56 -3.16
C SER B 280 -27.08 24.66 -4.37
N GLN B 281 -25.88 24.07 -4.47
CA GLN B 281 -25.65 23.03 -5.47
C GLN B 281 -26.50 21.80 -5.22
N ILE B 282 -27.02 21.64 -4.01
CA ILE B 282 -27.90 20.52 -3.64
C ILE B 282 -29.35 20.97 -3.58
N TYR B 283 -29.63 22.03 -2.85
CA TYR B 283 -30.97 22.56 -2.69
C TYR B 283 -31.06 23.88 -3.46
N PRO B 284 -31.52 23.88 -4.71
CA PRO B 284 -31.49 25.13 -5.50
C PRO B 284 -32.35 26.24 -4.94
N GLY B 285 -33.24 25.98 -3.98
CA GLY B 285 -34.00 27.05 -3.36
C GLY B 285 -33.21 27.93 -2.39
N ILE B 286 -31.98 27.57 -2.05
CA ILE B 286 -31.16 28.39 -1.16
C ILE B 286 -30.92 29.75 -1.79
N LYS B 287 -31.34 30.81 -1.08
CA LYS B 287 -31.12 32.18 -1.49
C LYS B 287 -30.13 32.85 -0.54
N VAL B 288 -29.33 33.76 -1.08
CA VAL B 288 -28.20 34.31 -0.33
C VAL B 288 -28.10 35.83 -0.38
N ARG B 289 -28.78 36.51 -1.31
CA ARG B 289 -28.48 37.93 -1.55
C ARG B 289 -28.79 38.83 -0.36
N GLN B 290 -29.81 38.51 0.44
CA GLN B 290 -30.10 39.39 1.56
C GLN B 290 -29.05 39.27 2.67
N LEU B 291 -28.42 38.10 2.82
CA LEU B 291 -27.30 38.01 3.74
C LEU B 291 -26.04 38.60 3.11
N SER B 292 -25.84 38.32 1.82
CA SER B 292 -24.69 38.86 1.11
C SER B 292 -24.68 40.39 1.13
N LYS B 293 -25.86 41.00 1.15
CA LYS B 293 -25.97 42.47 1.18
C LYS B 293 -25.47 43.05 2.50
N LEU B 294 -25.57 42.29 3.60
CA LEU B 294 -25.08 42.76 4.90
C LEU B 294 -23.58 42.99 4.91
N LEU B 295 -22.85 42.39 3.97
CA LEU B 295 -21.41 42.44 3.96
C LEU B 295 -20.83 43.54 3.07
N ARG B 296 -21.65 44.39 2.48
CA ARG B 296 -21.14 45.43 1.59
C ARG B 296 -20.10 46.28 2.31
N GLY B 297 -19.05 46.66 1.58
CA GLY B 297 -17.95 47.41 2.15
C GLY B 297 -16.78 46.51 2.55
N THR B 298 -15.76 47.14 3.12
CA THR B 298 -14.52 46.49 3.49
C THR B 298 -14.36 46.52 5.01
N LYS B 299 -14.95 45.56 5.70
CA LYS B 299 -15.06 45.63 7.14
C LYS B 299 -14.11 44.67 7.86
N ALA B 300 -13.83 45.01 9.11
CA ALA B 300 -13.07 44.15 10.01
C ALA B 300 -13.83 42.85 10.24
N LEU B 301 -13.09 41.74 10.28
CA LEU B 301 -13.73 40.44 10.41
C LEU B 301 -14.55 40.35 11.68
N THR B 302 -14.11 41.04 12.75
CA THR B 302 -14.72 40.90 14.07
C THR B 302 -15.83 41.92 14.33
N GLU B 303 -16.05 42.87 13.45
CA GLU B 303 -17.10 43.85 13.66
C GLU B 303 -18.47 43.19 13.60
N VAL B 304 -19.39 43.65 14.47
CA VAL B 304 -20.70 43.01 14.61
C VAL B 304 -21.67 43.61 13.61
N ILE B 305 -22.59 42.76 13.14
CA ILE B 305 -23.53 43.11 12.08
C ILE B 305 -24.90 42.61 12.49
N PRO B 306 -25.82 43.50 12.85
CA PRO B 306 -27.20 43.08 13.09
C PRO B 306 -27.82 42.55 11.82
N LEU B 307 -28.60 41.48 11.94
CA LEU B 307 -29.29 40.95 10.78
C LEU B 307 -30.58 41.73 10.54
N THR B 308 -30.74 42.26 9.32
CA THR B 308 -31.96 42.94 8.93
C THR B 308 -33.14 41.96 8.86
N GLU B 309 -34.35 42.50 8.86
CA GLU B 309 -35.54 41.65 8.73
C GLU B 309 -35.48 40.83 7.45
N GLU B 310 -35.05 41.43 6.34
CA GLU B 310 -34.92 40.70 5.09
C GLU B 310 -33.99 39.52 5.24
N ALA B 311 -32.80 39.76 5.81
CA ALA B 311 -31.81 38.70 5.97
C ALA B 311 -32.28 37.65 6.97
N GLU B 312 -32.94 38.08 8.05
CA GLU B 312 -33.46 37.15 9.04
C GLU B 312 -34.46 36.18 8.41
N LEU B 313 -35.41 36.71 7.63
CA LEU B 313 -36.37 35.86 6.97
C LEU B 313 -35.69 34.96 5.94
N GLU B 314 -34.72 35.49 5.20
CA GLU B 314 -33.99 34.66 4.25
C GLU B 314 -33.33 33.49 4.94
N LEU B 315 -32.71 33.75 6.09
CA LEU B 315 -32.02 32.70 6.84
C LEU B 315 -33.00 31.65 7.35
N ALA B 316 -34.15 32.08 7.89
CA ALA B 316 -35.15 31.11 8.36
C ALA B 316 -35.71 30.28 7.20
N GLU B 317 -35.94 30.91 6.05
CA GLU B 317 -36.38 30.15 4.88
C GLU B 317 -35.33 29.14 4.44
N ASN B 318 -34.05 29.52 4.52
CA ASN B 318 -32.98 28.58 4.19
C ASN B 318 -32.97 27.40 5.15
N ARG B 319 -33.09 27.69 6.46
CA ARG B 319 -33.21 26.63 7.45
C ARG B 319 -34.30 25.65 7.06
N GLU B 320 -35.45 26.19 6.64
CA GLU B 320 -36.57 25.35 6.24
C GLU B 320 -36.20 24.49 5.04
N ILE B 321 -35.64 25.12 3.99
CA ILE B 321 -35.30 24.39 2.77
C ILE B 321 -34.38 23.22 3.09
N LEU B 322 -33.46 23.40 4.03
CA LEU B 322 -32.53 22.30 4.32
C LEU B 322 -33.22 21.08 4.91
N LYS B 323 -34.43 21.25 5.46
CA LYS B 323 -35.14 20.15 6.09
C LYS B 323 -35.86 19.25 5.08
N GLU B 324 -36.08 19.74 3.86
CA GLU B 324 -36.77 19.00 2.82
C GLU B 324 -35.89 17.90 2.23
N PRO B 325 -36.49 16.86 1.66
CA PRO B 325 -35.70 15.86 0.95
C PRO B 325 -35.11 16.46 -0.32
N VAL B 326 -33.92 15.98 -0.68
CA VAL B 326 -33.34 16.39 -1.95
C VAL B 326 -34.21 15.86 -3.09
N HIS B 327 -34.44 16.70 -4.08
CA HIS B 327 -35.29 16.35 -5.19
C HIS B 327 -34.51 15.55 -6.23
N GLY B 328 -35.20 14.64 -6.91
CA GLY B 328 -34.64 13.88 -8.02
C GLY B 328 -33.50 12.93 -7.69
N VAL B 329 -33.55 12.26 -6.55
CA VAL B 329 -32.59 11.23 -6.21
C VAL B 329 -33.27 9.87 -6.39
N TYR B 330 -32.89 9.16 -7.44
CA TYR B 330 -33.42 7.83 -7.73
C TYR B 330 -32.27 6.84 -7.72
N TYR B 331 -32.34 5.84 -6.84
CA TYR B 331 -31.31 4.82 -6.79
C TYR B 331 -31.22 4.07 -8.13
N ASP B 332 -30.01 3.99 -8.68
CA ASP B 332 -29.74 3.22 -9.88
C ASP B 332 -29.05 1.92 -9.49
N PRO B 333 -29.72 0.76 -9.55
CA PRO B 333 -29.08 -0.48 -9.12
C PRO B 333 -27.98 -0.96 -10.05
N SER B 334 -27.80 -0.32 -11.21
CA SER B 334 -26.70 -0.73 -12.09
C SER B 334 -25.39 -0.05 -11.69
N LYS B 335 -25.44 1.21 -11.27
CA LYS B 335 -24.22 1.95 -10.96
C LYS B 335 -23.76 1.67 -9.52
N ASP B 336 -22.50 1.94 -9.26
CA ASP B 336 -21.89 1.64 -7.97
C ASP B 336 -22.15 2.76 -6.96
N LEU B 337 -22.05 2.40 -5.69
CA LEU B 337 -22.21 3.35 -4.58
C LEU B 337 -20.87 3.97 -4.23
N ILE B 338 -20.88 5.27 -4.01
CA ILE B 338 -19.71 6.02 -3.59
C ILE B 338 -19.96 6.50 -2.18
N ALA B 339 -19.01 6.22 -1.28
CA ALA B 339 -19.08 6.66 0.10
C ALA B 339 -17.89 7.56 0.37
N GLU B 340 -18.16 8.79 0.79
CA GLU B 340 -17.14 9.76 1.14
C GLU B 340 -17.12 9.95 2.64
N ILE B 341 -15.93 10.01 3.24
CA ILE B 341 -15.76 10.16 4.68
C ILE B 341 -14.90 11.39 4.98
N GLN B 342 -15.28 12.13 6.01
CA GLN B 342 -14.48 13.25 6.50
C GLN B 342 -14.21 13.08 7.99
N LYS B 343 -12.97 13.36 8.38
CA LYS B 343 -12.56 13.43 9.78
C LYS B 343 -12.88 14.82 10.31
N GLN B 344 -13.93 14.92 11.13
CA GLN B 344 -14.31 16.19 11.73
C GLN B 344 -13.52 16.52 12.99
N GLY B 345 -12.74 15.58 13.50
CA GLY B 345 -11.89 15.79 14.67
C GLY B 345 -12.57 15.37 15.96
N GLN B 346 -11.75 14.96 16.92
CA GLN B 346 -12.24 14.58 18.25
C GLN B 346 -13.14 13.36 18.18
N GLY B 347 -12.75 12.37 17.37
CA GLY B 347 -13.52 11.15 17.25
C GLY B 347 -14.78 11.25 16.42
N GLN B 348 -14.96 12.32 15.66
CA GLN B 348 -16.17 12.54 14.87
C GLN B 348 -15.87 12.33 13.40
N TRP B 349 -16.74 11.58 12.72
CA TRP B 349 -16.59 11.34 11.30
C TRP B 349 -17.93 11.60 10.63
N THR B 350 -17.91 12.16 9.43
CA THR B 350 -19.12 12.33 8.66
C THR B 350 -18.99 11.56 7.36
N TYR B 351 -20.13 11.15 6.79
CA TYR B 351 -20.05 10.37 5.56
C TYR B 351 -21.31 10.60 4.72
N GLN B 352 -21.11 10.51 3.41
CA GLN B 352 -22.20 10.61 2.45
C GLN B 352 -22.10 9.45 1.47
N ILE B 353 -23.25 8.85 1.17
CA ILE B 353 -23.40 7.82 0.16
C ILE B 353 -24.19 8.42 -0.99
N TYR B 354 -23.60 8.37 -2.18
CA TYR B 354 -24.21 8.90 -3.40
C TYR B 354 -23.78 8.06 -4.59
N GLN B 355 -24.53 8.21 -5.70
CA GLN B 355 -24.10 7.67 -6.97
C GLN B 355 -23.71 8.75 -7.98
N GLU B 356 -24.22 9.95 -7.83
CA GLU B 356 -23.89 11.09 -8.64
C GLU B 356 -23.68 12.29 -7.75
N PRO B 357 -22.88 13.27 -8.17
CA PRO B 357 -22.55 14.38 -7.29
C PRO B 357 -23.78 15.19 -6.90
N PHE B 358 -23.82 15.60 -5.64
CA PHE B 358 -24.88 16.41 -5.03
C PHE B 358 -26.22 15.70 -4.94
N LYS B 359 -26.25 14.40 -5.20
CA LYS B 359 -27.50 13.64 -5.13
C LYS B 359 -27.28 12.49 -4.12
N ASN B 360 -27.40 12.83 -2.84
CA ASN B 360 -27.05 11.90 -1.78
C ASN B 360 -28.18 10.90 -1.55
N LEU B 361 -27.83 9.61 -1.51
CA LEU B 361 -28.77 8.60 -1.06
C LEU B 361 -28.83 8.57 0.46
N LYS B 362 -27.71 8.80 1.13
CA LYS B 362 -27.68 8.78 2.58
C LYS B 362 -26.56 9.67 3.07
N THR B 363 -26.77 10.33 4.20
CA THR B 363 -25.68 10.98 4.92
C THR B 363 -25.77 10.53 6.37
N GLY B 364 -24.68 10.75 7.10
CA GLY B 364 -24.66 10.33 8.49
C GLY B 364 -23.35 10.69 9.14
N LYS B 365 -23.23 10.29 10.39
CA LYS B 365 -22.01 10.50 11.16
C LYS B 365 -21.63 9.21 11.86
N TYR B 366 -20.41 9.19 12.39
CA TYR B 366 -19.91 8.11 13.23
C TYR B 366 -19.15 8.79 14.36
N ALA B 367 -19.65 8.68 15.58
CA ALA B 367 -19.13 9.41 16.72
C ALA B 367 -18.54 8.46 17.75
N ARG B 368 -17.53 8.95 18.48
CA ARG B 368 -16.86 8.17 19.50
C ARG B 368 -16.53 9.09 20.68
N MET B 369 -16.48 8.50 21.87
CA MET B 369 -16.09 9.25 23.06
C MET B 369 -14.63 9.70 22.94
N ARG B 370 -14.30 10.80 23.62
CA ARG B 370 -12.93 11.30 23.64
C ARG B 370 -12.06 10.30 24.40
N GLY B 371 -11.25 9.54 23.65
CA GLY B 371 -10.57 8.38 24.21
C GLY B 371 -9.24 8.66 24.90
N ALA B 372 -8.55 9.71 24.48
CA ALA B 372 -7.24 10.11 25.01
C ALA B 372 -6.15 9.13 24.59
N HIS B 373 -6.56 8.01 23.99
CA HIS B 373 -5.69 7.05 23.30
C HIS B 373 -6.26 6.78 21.91
N THR B 374 -6.69 7.84 21.24
CA THR B 374 -7.50 7.72 20.03
C THR B 374 -6.64 7.24 18.86
N ASN B 375 -7.23 6.37 18.03
CA ASN B 375 -6.57 5.80 16.87
C ASN B 375 -7.40 6.13 15.64
N ASP B 376 -6.93 7.08 14.84
CA ASP B 376 -7.66 7.49 13.64
C ASP B 376 -7.87 6.33 12.68
N VAL B 377 -6.87 5.47 12.55
CA VAL B 377 -6.98 4.33 11.62
C VAL B 377 -8.06 3.37 12.11
N LYS B 378 -8.03 3.02 13.40
CA LYS B 378 -9.01 2.10 13.96
C LYS B 378 -10.43 2.66 13.85
N GLN B 379 -10.62 3.93 14.23
CA GLN B 379 -11.92 4.60 14.08
C GLN B 379 -12.36 4.59 12.63
N LEU B 380 -11.44 4.84 11.70
CA LEU B 380 -11.80 4.86 10.29
C LEU B 380 -12.24 3.48 9.78
N THR B 381 -11.55 2.40 10.19
CA THR B 381 -11.99 1.08 9.74
C THR B 381 -13.32 0.70 10.37
N GLU B 382 -13.50 1.03 11.65
CA GLU B 382 -14.81 0.83 12.26
C GLU B 382 -15.89 1.57 11.48
N ALA B 383 -15.61 2.80 11.03
CA ALA B 383 -16.61 3.57 10.30
C ALA B 383 -16.88 2.94 8.93
N VAL B 384 -15.83 2.51 8.24
CA VAL B 384 -16.00 1.83 6.96
C VAL B 384 -16.88 0.60 7.13
N GLN B 385 -16.69 -0.14 8.20
CA GLN B 385 -17.47 -1.35 8.40
C GLN B 385 -18.93 -1.01 8.70
N LYS B 386 -19.18 -0.02 9.56
CA LYS B 386 -20.56 0.36 9.84
C LYS B 386 -21.27 0.83 8.57
N ILE B 387 -20.61 1.69 7.79
CA ILE B 387 -21.22 2.20 6.57
C ILE B 387 -21.52 1.05 5.60
N THR B 388 -20.57 0.12 5.45
CA THR B 388 -20.77 -0.99 4.53
C THR B 388 -21.91 -1.88 4.97
N THR B 389 -21.96 -2.21 6.27
CA THR B 389 -23.10 -2.93 6.82
C THR B 389 -24.41 -2.23 6.46
N GLU B 390 -24.46 -0.92 6.65
CA GLU B 390 -25.71 -0.22 6.35
C GLU B 390 -26.05 -0.34 4.87
N SER B 391 -25.06 -0.18 3.99
CA SER B 391 -25.34 -0.28 2.56
C SER B 391 -25.82 -1.67 2.19
N ILE B 392 -25.20 -2.71 2.78
CA ILE B 392 -25.65 -4.07 2.46
C ILE B 392 -27.09 -4.26 2.89
N VAL B 393 -27.47 -3.67 4.02
CA VAL B 393 -28.85 -3.83 4.51
C VAL B 393 -29.82 -3.04 3.63
N ILE B 394 -29.42 -1.86 3.16
CA ILE B 394 -30.33 -0.96 2.46
C ILE B 394 -30.39 -1.27 0.96
N TRP B 395 -29.25 -1.54 0.33
CA TRP B 395 -29.17 -1.72 -1.12
C TRP B 395 -28.68 -3.07 -1.58
N GLY B 396 -28.18 -3.91 -0.67
CA GLY B 396 -27.55 -5.15 -1.08
C GLY B 396 -26.25 -4.95 -1.81
N LYS B 397 -25.52 -3.89 -1.47
CA LYS B 397 -24.39 -3.47 -2.29
C LYS B 397 -23.33 -2.88 -1.37
N THR B 398 -22.02 -3.33 -1.52
CA THR B 398 -21.14 -2.50 -0.73
C THR B 398 -20.69 -1.27 -1.52
N PRO B 399 -20.37 -0.16 -0.88
CA PRO B 399 -19.94 1.03 -1.62
C PRO B 399 -18.43 1.06 -1.85
N LYS B 400 -18.03 1.93 -2.78
CA LYS B 400 -16.62 2.24 -3.02
C LYS B 400 -16.27 3.46 -2.16
N PHE B 401 -15.25 3.31 -1.32
CA PHE B 401 -14.93 4.35 -0.34
C PHE B 401 -13.83 5.28 -0.84
N LYS B 402 -14.07 6.58 -0.69
CA LYS B 402 -13.03 7.60 -0.75
C LYS B 402 -12.58 7.87 0.68
N LEU B 403 -11.32 7.46 0.99
CA LEU B 403 -10.81 7.46 2.36
C LEU B 403 -9.88 8.64 2.58
N PRO B 404 -10.07 9.43 3.64
CA PRO B 404 -9.17 10.57 3.92
C PRO B 404 -7.92 10.15 4.70
N ILE B 405 -7.00 9.47 4.01
CA ILE B 405 -5.80 8.95 4.66
C ILE B 405 -4.78 8.68 3.57
N GLN B 406 -3.51 8.74 3.94
CA GLN B 406 -2.44 8.35 3.03
C GLN B 406 -2.52 6.84 2.80
N LYS B 407 -2.27 6.43 1.56
CA LYS B 407 -2.36 5.02 1.21
C LYS B 407 -1.50 4.15 2.13
N GLU B 408 -0.28 4.61 2.44
CA GLU B 408 0.67 3.74 3.14
C GLU B 408 0.27 3.54 4.60
N THR B 409 -0.23 4.58 5.26
CA THR B 409 -0.75 4.46 6.62
C THR B 409 -1.87 3.40 6.67
N TRP B 410 -2.86 3.57 5.80
CA TRP B 410 -3.98 2.64 5.78
C TRP B 410 -3.53 1.23 5.46
N GLU B 411 -2.66 1.07 4.48
CA GLU B 411 -2.25 -0.28 4.13
C GLU B 411 -1.37 -0.90 5.21
N THR B 412 -0.60 -0.08 5.94
CA THR B 412 0.19 -0.61 7.05
C THR B 412 -0.71 -1.12 8.18
N TRP B 413 -1.84 -0.45 8.46
CA TRP B 413 -2.52 -0.79 9.71
C TRP B 413 -3.96 -1.29 9.64
N TRP B 414 -4.65 -1.21 8.50
CA TRP B 414 -6.10 -1.47 8.53
C TRP B 414 -6.44 -2.90 8.93
N THR B 415 -5.61 -3.89 8.57
CA THR B 415 -5.96 -5.27 8.89
C THR B 415 -5.87 -5.57 10.39
N GLU B 416 -5.22 -4.70 11.16
CA GLU B 416 -5.20 -4.86 12.61
C GLU B 416 -6.56 -4.68 13.25
N TYR B 417 -7.50 -4.03 12.56
CA TYR B 417 -8.77 -3.66 13.14
C TYR B 417 -9.97 -4.18 12.36
N TRP B 418 -9.73 -4.81 11.22
CA TRP B 418 -10.82 -5.35 10.41
C TRP B 418 -11.44 -6.56 11.09
N GLN B 419 -12.78 -6.63 11.02
CA GLN B 419 -13.49 -7.72 11.65
C GLN B 419 -14.59 -8.33 10.80
N ALA B 420 -14.85 -7.82 9.60
CA ALA B 420 -15.81 -8.43 8.70
C ALA B 420 -15.13 -9.42 7.74
N THR B 421 -15.94 -10.29 7.13
CA THR B 421 -15.43 -11.22 6.13
C THR B 421 -15.36 -10.58 4.74
N TRP B 422 -16.23 -9.60 4.48
CA TRP B 422 -16.13 -8.87 3.23
C TRP B 422 -15.12 -7.74 3.37
N ILE B 423 -14.73 -7.19 2.22
CA ILE B 423 -13.84 -6.03 2.13
C ILE B 423 -14.40 -5.15 1.03
N PRO B 424 -14.66 -3.87 1.28
CA PRO B 424 -15.11 -2.99 0.20
C PRO B 424 -13.95 -2.50 -0.65
N GLU B 425 -14.29 -2.02 -1.84
CA GLU B 425 -13.34 -1.25 -2.64
C GLU B 425 -13.05 0.07 -1.97
N TRP B 426 -11.86 0.62 -2.21
CA TRP B 426 -11.59 1.93 -1.68
C TRP B 426 -10.48 2.61 -2.49
N GLU B 427 -10.42 3.93 -2.36
CA GLU B 427 -9.33 4.72 -2.91
C GLU B 427 -9.04 5.84 -1.93
N PHE B 428 -7.91 6.50 -2.12
CA PHE B 428 -7.33 7.38 -1.12
C PHE B 428 -7.39 8.82 -1.60
N VAL B 429 -7.99 9.70 -0.79
CA VAL B 429 -8.25 11.07 -1.21
C VAL B 429 -7.71 12.04 -0.18
N ASN B 430 -7.37 13.24 -0.65
CA ASN B 430 -7.05 14.39 0.18
C ASN B 430 -8.29 15.29 0.25
N THR B 431 -9.07 15.14 1.32
CA THR B 431 -10.33 15.88 1.47
C THR B 431 -10.06 17.38 1.41
N PRO B 432 -10.77 18.13 0.56
CA PRO B 432 -10.60 19.59 0.54
C PRO B 432 -11.19 20.21 1.78
N PRO B 433 -10.41 21.06 2.49
CA PRO B 433 -10.86 21.57 3.81
C PRO B 433 -12.27 22.16 3.83
N LEU B 434 -12.66 22.84 2.75
CA LEU B 434 -14.02 23.38 2.68
C LEU B 434 -15.07 22.29 2.83
N VAL B 435 -14.89 21.16 2.15
CA VAL B 435 -15.89 20.09 2.21
C VAL B 435 -16.06 19.60 3.65
N LYS B 436 -14.95 19.39 4.36
CA LYS B 436 -15.03 19.09 5.79
C LYS B 436 -15.87 20.14 6.50
N LEU B 437 -15.60 21.42 6.23
CA LEU B 437 -16.33 22.50 6.89
C LEU B 437 -17.84 22.43 6.64
N TRP B 438 -18.26 21.94 5.48
CA TRP B 438 -19.67 22.01 5.13
C TRP B 438 -20.52 20.97 5.88
N TYR B 439 -20.00 19.75 6.09
CA TYR B 439 -20.76 18.68 6.75
C TYR B 439 -20.53 18.61 8.26
N GLN B 440 -19.64 19.42 8.81
CA GLN B 440 -19.41 19.53 10.25
C GLN B 440 -20.70 19.82 10.99
N LEU B 441 -20.76 19.49 12.28
CA LEU B 441 -22.00 19.55 13.04
C LEU B 441 -21.98 20.63 14.13
P G47 C 16 17.44 0.49 -19.37
O1P G47 C 16 17.37 -0.71 -18.44
O2P G47 C 16 17.52 0.29 -20.86
O5' G47 C 16 18.77 1.29 -18.97
C5' G47 C 16 19.50 0.84 -17.84
C4' G47 C 16 19.99 2.10 -17.17
O4' G47 C 16 18.89 2.84 -16.62
C3' G47 C 16 20.82 1.67 -15.99
O3' G47 C 16 22.16 1.46 -16.43
C2' G47 C 16 20.58 2.76 -14.94
C1' G47 C 16 19.12 3.09 -15.22
N9 G47 C 16 18.16 2.24 -14.46
C8 G47 C 16 17.42 1.23 -14.96
N7 G47 C 16 16.64 0.64 -14.03
C5 G47 C 16 16.86 1.31 -12.88
C6 G47 C 16 16.36 1.22 -11.49
O6 G47 C 16 15.50 0.35 -11.17
N1 G47 C 16 16.85 2.09 -10.60
C2 G47 C 16 17.77 3.03 -10.91
N2 G47 C 16 18.20 3.87 -9.93
N3 G47 C 16 18.26 3.16 -12.17
C4 G47 C 16 17.85 2.35 -13.16
C6A G47 C 16 19.52 4.47 -9.93
C7A G47 C 16 19.70 5.49 -11.04
SG G47 C 16 21.22 6.45 -10.90
P DDG C 21 25.48 -14.42 -3.17
OP1 DDG C 21 25.80 -15.14 -1.88
OP2 DDG C 21 26.57 -14.03 -4.15
O5' DDG C 21 24.47 -15.38 -3.99
C5' DDG C 21 23.69 -16.32 -3.26
C4' DDG C 21 22.63 -16.86 -4.19
O4' DDG C 21 21.92 -15.80 -4.82
C3' DDG C 21 23.28 -17.66 -5.32
C2' DDG C 21 22.35 -17.44 -6.50
C1' DDG C 21 21.61 -16.14 -6.16
N9 DDG C 21 22.09 -15.14 -7.13
C8 DDG C 21 23.13 -14.29 -6.99
N7 DDG C 21 23.28 -13.53 -8.12
C5 DDG C 21 22.31 -13.89 -8.99
C6 DDG C 21 21.89 -13.52 -10.36
O6 DDG C 21 22.48 -12.63 -11.01
N1 DDG C 21 20.84 -14.15 -10.90
C2 DDG C 21 20.18 -15.12 -10.23
N2 DDG C 21 19.12 -15.72 -10.82
N3 DDG C 21 20.52 -15.54 -8.98
C4 DDG C 21 21.55 -14.96 -8.33
MG MG E . -9.87 35.63 -7.48
MG MG F . 25.57 -23.92 -6.78
C1 NQ4 G . 24.01 -16.57 -11.24
C2 NQ4 G . 23.30 -17.66 -10.92
C3 NQ4 G . 21.52 -19.31 -11.42
C4 NQ4 G . 20.80 -19.21 -10.08
C5 NQ4 G . 21.58 -20.18 -9.17
C6 NQ4 G . 22.15 -21.18 -10.17
N NQ4 G . 24.35 -14.80 -12.82
C NQ4 G . 23.68 -15.90 -12.45
O NQ4 G . 23.91 -22.71 -10.70
C7 NQ4 G . 23.42 -21.81 -9.69
C8 NQ4 G . 21.97 -17.43 -12.92
N1 NQ4 G . 22.28 -18.11 -11.74
N2 NQ4 G . 22.69 -16.33 -13.24
O1 NQ4 G . 25.09 -24.43 -9.22
O10 NQ4 G . 22.41 -20.40 -11.34
O11 NQ4 G . 21.02 -17.83 -13.59
O2 NQ4 G . 25.53 -24.40 -11.77
O3 NQ4 G . 26.26 -22.48 -10.32
O4 NQ4 G . 26.18 -21.92 -7.86
O5 NQ4 G . 27.79 -20.74 -9.45
O6 NQ4 G . 28.17 -23.17 -8.89
O7 NQ4 G . 28.00 -24.61 -6.70
O8 NQ4 G . 30.00 -24.75 -8.27
O9 NQ4 G . 27.84 -25.70 -9.00
P NQ4 G . 25.20 -23.65 -10.47
P1 NQ4 G . 27.07 -22.00 -9.03
P2 NQ4 G . 28.47 -24.57 -8.16
S SO4 H . 13.07 -2.68 -11.86
O1 SO4 H . 12.07 -2.15 -12.77
O2 SO4 H . 14.38 -2.13 -12.22
O3 SO4 H . 13.12 -4.14 -11.99
O4 SO4 H . 12.74 -2.33 -10.48
S SO4 I . 18.22 -8.18 -13.45
O1 SO4 I . 19.67 -7.92 -13.35
O2 SO4 I . 17.57 -7.12 -14.22
O3 SO4 I . 17.63 -8.20 -12.10
O4 SO4 I . 18.03 -9.47 -14.10
S SO4 J . -10.71 17.05 -17.36
O1 SO4 J . -11.20 17.64 -18.59
O2 SO4 J . -10.29 18.10 -16.44
O3 SO4 J . -9.57 16.16 -17.64
O4 SO4 J . -11.78 16.27 -16.74
#